data_6TEH
#
_entry.id   6TEH
#
_cell.length_a   1.00
_cell.length_b   1.00
_cell.length_c   1.00
_cell.angle_alpha   90.00
_cell.angle_beta   90.00
_cell.angle_gamma   90.00
#
_symmetry.space_group_name_H-M   'P 1'
#
loop_
_entity.id
_entity.type
_entity.pdbx_description
1 polymer 'Putative gene transfer agent protein'
2 polymer 'Putative gene transfer agent protein'
3 polymer 'Putative gene transfer agent protein'
4 non-polymer 'IRON/SULFUR CLUSTER'
#
loop_
_entity_poly.entity_id
_entity_poly.type
_entity_poly.pdbx_seq_one_letter_code
_entity_poly.pdbx_strand_id
1 'polypeptide(L)'
;MAYPESLKAHLQGGVTTLARAWALARADGRVLGFTDHDVVLRFDGISFEPGSGMTAKAVLQGTGLSVDNTESYGALSSEA
ITEADLLAGRYDGAAVTVWLVNWADPAMRAVIFRGHLGEVSRGAGAFTAELRGLTAALGQEQGRIYHPRCAAVLGDGRCR
FDLTKDGYALEAALGGVDEAVVLRLAEGAGFEDRWFEKGRLVVLDGAAAGLIGVVKNDRLQADGSRLIELWQRLGANPVA
GDRVRIEPGCDKRAGTCRLKFDNFLNFRGFPHIPGEDWMVSYPVQSGTNDGGSLFR
;
C
2 'polypeptide(L)'
;MATILLSAAGAAIGGGFGGTVLGLSGAVIGRAVGATLGRVIDQRLLGSGSQSVETGRVDRLRLSSASEGEAVGRLWGRMR
VAGQVIWATRFFESASVEKSGKGVPRATVTSYSYSLSLALALCEGEILRVGRVWADGSEIEVSGLNMRVYRGGEDQLPDP
KIAAVEGAEAAPAYRGIAYVVLEDLQLAPFGNRVPQFTFEVVRAAQGALAEAEPDLTRGLRAVALIPGTGEYALATTPVY
LATGSGVTATQGVANQNAPGGQTDLVAALERLDEELPNCGAVSLVVSWFGDDLRCGACDVKPKVASVAEEGANMPWRVAG
LERAGAEEVPRLSGQSVYGGTPADAAVIEAIAALRAAGKAVTFYPFILMAQLAGNGLPDPWNPGSAQPALPWRGRITLSV
APGRAGSPDGTAAAEAQVAGFFGAASPGDSAIAGGEVVYSGPEEWSMRRFILHYAHLCQLAGGVDAFCIGTEMVALTQIR
GPSNSFPAVAAFRQLAGEVKAILGPGCKIGYAADWSEYWGYAPGNGERFFHLDPLWADENIDFIGIDNYLPLSDWRDGAD
HADAGWGSIHALDYLRSNIEGGEYYDWFYAAPEHRAAQIRTPITDGDHDEPWIWRAKDLRNWWLNDHHERVGGLRSEVAT
AWVPQSKPIWFTEMGCAAIDKGTNQPNKFLDPKSSESGLPHHSDGRRDELIQMQYLRAMTGYWGEAARNPVSAVYGGPML
DMSRAHVWAWDARPWPQFPLNTALWSDGENYARGHWISGRAVAQPLASVVAEICGAAGITEIDVSGLYGLVRGYTMTGDQ
TGRAGLQALMLAYGFEALERDGQLVFRMRDGRVAADLAAADLALGEGEAVVETVRAAEAEIAGRVRLAYVEAEGDFEVKA
VEAVFPDAAAGAAAGSELSLALTRAQAQGIVGRWLAEARVARDTARFALPPSRGHLGTGDVVRLDLPEGKRRYRIDRVEQ
AGLIQVEAVRVEPGIYAPADEVEDPASLRPFAAPVPVTAVFLDLPLMKGDEDPVAPHLAVTATPWPGTVAVWSSDEDAGY
ALNASLGTRAVIGQTLTPLFRARPGVWDRGAALRVRLASGALDSATAAKVLNGANAMAIGDGSSENWEVFQFAEAALVEG
KIWDISLRLRGQLGTDALMPEVWPEGSVVVALNGAPEQILLPSAARGLARHYRIGAAVRSYDDPSFVHRIEAFAGAGLRP
FSPCHLRAEPGASGWAFRWVRRTRIDGDSWQGYEVPLGETAELYLVRVLEGTAVKREVTVGEASWSYPAALQAADGIAGA
FTLEVAQVSDVYGPGLAARITVGA
;
D
3 'polypeptide(L)'
;MAFHEVRFPANLSFGSVGGPERRTEIVTLSSGHEERNSPWAHSRRHYDAGVGLRSLDDVERLIAFFEARGGQLHGFRWKD
WADFKSCPASRAVAHEDQLIGMGDGVTTAFQLVKTYVSGGQSYLRPIVKPVEGTVKLGIAGDHQAEAVNFAVDHATGIVS
FNEPPPQGARVTAGFEFDVPVRFDTDRIAVSVQSFQAGDLPQVPVVEVRI
;
B,A
#
# COMPACT_ATOMS: atom_id res chain seq x y z
N PRO A 4 13.04 -1.76 17.96
CA PRO A 4 14.41 -2.12 18.30
C PRO A 4 14.51 -3.35 19.17
N GLU A 5 15.51 -4.18 18.89
CA GLU A 5 15.70 -5.45 19.57
C GLU A 5 17.10 -5.51 20.15
N SER A 6 17.21 -5.14 21.43
CA SER A 6 18.46 -5.14 22.20
C SER A 6 19.53 -4.27 21.58
N LEU A 7 19.13 -3.19 20.96
CA LEU A 7 20.06 -2.07 20.75
C LEU A 7 19.77 -0.92 21.68
N LYS A 8 18.98 -1.15 22.75
CA LYS A 8 18.60 -0.09 23.65
C LYS A 8 19.80 0.47 24.39
N ALA A 9 20.79 -0.37 24.65
CA ALA A 9 22.07 0.09 25.20
C ALA A 9 22.75 1.06 24.27
N HIS A 10 22.65 0.80 22.96
CA HIS A 10 23.16 1.75 21.99
C HIS A 10 22.27 2.98 21.91
N LEU A 11 20.97 2.81 22.16
CA LEU A 11 20.02 3.84 21.79
C LEU A 11 19.75 4.80 22.94
N GLN A 12 19.86 4.32 24.18
CA GLN A 12 19.59 5.19 25.32
C GLN A 12 20.67 6.24 25.49
N GLY A 13 21.87 5.97 24.99
CA GLY A 13 22.86 7.00 24.89
C GLY A 13 22.46 8.01 23.85
N GLY A 14 22.71 9.29 24.12
CA GLY A 14 22.46 10.32 23.12
C GLY A 14 23.38 10.18 21.92
N VAL A 15 24.58 9.68 22.16
CA VAL A 15 25.49 9.37 21.07
C VAL A 15 24.96 8.11 20.39
N THR A 16 24.24 8.29 19.28
CA THR A 16 23.75 7.16 18.52
C THR A 16 24.07 7.37 17.06
N THR A 17 23.99 6.31 16.27
CA THR A 17 24.35 6.39 14.88
C THR A 17 23.50 5.52 13.96
N LEU A 18 22.22 5.37 14.22
CA LEU A 18 21.38 4.44 13.48
C LEU A 18 20.99 4.98 12.11
N ALA A 19 21.52 4.38 11.06
CA ALA A 19 21.24 4.82 9.70
C ALA A 19 20.22 3.90 9.04
N ARG A 20 19.18 4.47 8.45
CA ARG A 20 18.11 3.68 7.89
C ARG A 20 18.55 2.97 6.62
N ALA A 21 17.87 1.87 6.30
CA ALA A 21 18.25 1.00 5.21
C ALA A 21 17.10 0.03 4.96
N TRP A 22 16.82 -0.29 3.70
CA TRP A 22 15.81 -1.30 3.44
C TRP A 22 16.05 -2.07 2.15
N ALA A 23 15.47 -3.26 2.14
CA ALA A 23 15.52 -4.20 1.04
C ALA A 23 14.10 -4.47 0.57
N LEU A 24 13.90 -4.45 -0.74
CA LEU A 24 12.65 -4.90 -1.32
C LEU A 24 12.93 -6.15 -2.12
N ALA A 25 12.06 -7.15 -1.98
CA ALA A 25 12.11 -8.36 -2.79
C ALA A 25 11.04 -8.24 -3.85
N ARG A 26 11.45 -8.29 -5.11
CA ARG A 26 10.51 -8.17 -6.22
C ARG A 26 9.71 -9.47 -6.36
N ALA A 27 8.77 -9.49 -7.30
CA ALA A 27 8.04 -10.72 -7.60
C ALA A 27 8.96 -11.75 -8.22
N ASP A 28 9.91 -11.31 -9.04
CA ASP A 28 11.02 -12.16 -9.44
C ASP A 28 11.94 -12.35 -8.24
N GLY A 29 12.82 -13.34 -8.33
CA GLY A 29 13.56 -13.77 -7.15
C GLY A 29 14.60 -12.77 -6.64
N ARG A 30 14.96 -11.79 -7.47
CA ARG A 30 16.00 -10.85 -7.08
C ARG A 30 15.46 -9.85 -6.07
N VAL A 31 16.36 -9.39 -5.19
CA VAL A 31 16.03 -8.33 -4.26
C VAL A 31 16.78 -7.08 -4.66
N LEU A 32 16.46 -5.96 -4.05
CA LEU A 32 17.21 -4.73 -4.26
C LEU A 32 17.58 -4.13 -2.92
N GLY A 33 18.72 -3.46 -2.88
CA GLY A 33 19.19 -2.89 -1.63
C GLY A 33 19.17 -1.38 -1.62
N PHE A 34 18.90 -0.80 -0.46
CA PHE A 34 18.78 0.65 -0.31
C PHE A 34 19.21 1.04 1.10
N THR A 35 19.98 2.13 1.23
CA THR A 35 20.40 2.59 2.54
C THR A 35 20.62 4.10 2.58
N ASP A 36 20.46 4.67 3.78
CA ASP A 36 20.79 6.06 4.04
C ASP A 36 22.25 6.28 4.39
N HIS A 37 23.03 5.21 4.58
CA HIS A 37 24.28 5.34 5.29
C HIS A 37 25.36 6.03 4.44
N ASP A 38 25.15 6.12 3.12
CA ASP A 38 25.98 6.72 2.06
C ASP A 38 27.17 5.82 1.74
N VAL A 39 27.42 4.77 2.51
CA VAL A 39 28.40 3.76 2.15
C VAL A 39 27.64 2.46 1.98
N VAL A 40 27.96 1.70 0.93
CA VAL A 40 27.38 0.39 0.70
C VAL A 40 27.69 -0.51 1.88
N LEU A 41 26.66 -1.09 2.47
CA LEU A 41 26.81 -1.98 3.60
C LEU A 41 25.86 -3.15 3.40
N ARG A 42 26.10 -4.25 4.10
CA ARG A 42 25.21 -5.39 4.07
C ARG A 42 25.32 -6.13 5.38
N PHE A 43 24.25 -6.81 5.75
CA PHE A 43 24.27 -7.74 6.88
C PHE A 43 23.76 -9.10 6.40
N ASP A 44 22.69 -9.10 5.62
CA ASP A 44 22.29 -10.28 4.90
C ASP A 44 22.91 -10.20 3.51
N GLY A 45 22.69 -11.25 2.73
CA GLY A 45 23.23 -11.26 1.38
C GLY A 45 22.46 -10.38 0.43
N ILE A 46 22.38 -9.07 0.72
CA ILE A 46 21.54 -8.17 -0.04
C ILE A 46 22.34 -7.04 -0.69
N SER A 47 23.46 -6.64 -0.07
CA SER A 47 24.36 -5.59 -0.58
C SER A 47 23.63 -4.28 -0.82
N PHE A 48 23.22 -3.64 0.28
CA PHE A 48 22.44 -2.41 0.21
C PHE A 48 23.22 -1.31 -0.47
N GLU A 49 22.60 -0.68 -1.46
CA GLU A 49 23.28 0.35 -2.20
C GLU A 49 22.68 1.71 -1.85
N PRO A 50 23.51 2.69 -1.49
CA PRO A 50 23.01 4.05 -1.32
C PRO A 50 22.89 4.81 -2.62
N GLY A 51 23.04 4.15 -3.77
CA GLY A 51 22.92 4.83 -5.05
C GLY A 51 21.50 5.23 -5.39
N SER A 52 20.50 4.68 -4.71
CA SER A 52 19.12 4.95 -5.04
C SER A 52 18.29 4.92 -3.78
N GLY A 53 17.00 5.22 -3.94
CA GLY A 53 16.03 5.02 -2.86
C GLY A 53 16.20 6.02 -1.75
N MET A 54 15.59 5.70 -0.61
CA MET A 54 15.99 6.23 0.69
C MET A 54 15.80 7.73 0.87
N THR A 55 14.56 8.17 0.97
CA THR A 55 14.36 9.43 1.69
C THR A 55 13.68 9.18 3.02
N ALA A 56 12.91 8.09 3.12
CA ALA A 56 12.36 7.55 4.35
C ALA A 56 11.49 8.55 5.09
N LYS A 57 10.35 8.91 4.51
CA LYS A 57 9.54 9.97 5.07
C LYS A 57 8.38 9.39 5.88
N ALA A 58 8.53 9.41 7.20
CA ALA A 58 7.45 9.41 8.16
C ALA A 58 6.55 8.17 8.10
N VAL A 59 7.10 7.03 8.51
CA VAL A 59 6.27 5.86 8.72
C VAL A 59 5.24 6.14 9.79
N LEU A 60 3.97 5.83 9.50
CA LEU A 60 2.86 6.05 10.39
C LEU A 60 2.39 4.68 10.90
N GLN A 61 1.58 4.67 11.95
CA GLN A 61 1.12 3.41 12.54
C GLN A 61 -0.35 3.54 12.91
N GLY A 62 -0.93 2.42 13.37
CA GLY A 62 -2.32 2.43 13.85
C GLY A 62 -2.76 1.07 14.38
N THR A 63 -3.37 1.04 15.57
CA THR A 63 -3.92 -0.23 16.12
C THR A 63 -5.06 -0.71 15.21
N GLY A 64 -5.66 0.21 14.45
CA GLY A 64 -6.76 -0.14 13.52
C GLY A 64 -6.26 -0.95 12.33
N LEU A 65 -7.17 -1.61 11.60
CA LEU A 65 -6.78 -2.49 10.48
C LEU A 65 -6.20 -1.68 9.31
N SER A 66 -6.33 -0.35 9.34
CA SER A 66 -5.84 0.51 8.23
C SER A 66 -4.31 0.33 8.06
N VAL A 67 -3.82 0.38 6.82
CA VAL A 67 -2.38 0.11 6.54
C VAL A 67 -1.48 1.22 7.10
N ASP A 68 -0.17 0.96 7.16
CA ASP A 68 0.83 1.96 7.40
C ASP A 68 1.34 2.48 6.07
N ASN A 69 2.07 3.59 6.12
CA ASN A 69 2.49 4.20 4.87
C ASN A 69 3.80 4.94 5.01
N THR A 70 4.55 4.96 3.91
CA THR A 70 5.86 5.58 3.80
C THR A 70 6.10 5.81 2.33
N GLU A 71 6.36 7.05 1.93
CA GLU A 71 6.38 7.34 0.51
C GLU A 71 7.72 7.03 -0.14
N SER A 72 8.82 7.11 0.64
CA SER A 72 10.12 6.54 0.26
C SER A 72 10.68 7.09 -1.04
N TYR A 73 10.94 8.39 -1.08
CA TYR A 73 11.41 9.03 -2.29
C TYR A 73 12.82 8.57 -2.61
N GLY A 74 13.12 8.49 -3.90
CA GLY A 74 14.39 7.94 -4.31
C GLY A 74 14.78 8.26 -5.73
N ALA A 75 15.66 7.47 -6.32
CA ALA A 75 16.13 7.70 -7.67
C ALA A 75 16.09 6.40 -8.47
N LEU A 76 15.84 6.53 -9.75
CA LEU A 76 15.81 5.39 -10.66
C LEU A 76 17.00 5.47 -11.61
N SER A 77 17.68 4.34 -11.80
CA SER A 77 18.91 4.28 -12.59
C SER A 77 19.08 2.88 -13.14
N SER A 78 20.14 2.69 -13.93
CA SER A 78 20.33 1.45 -14.66
C SER A 78 20.63 0.28 -13.73
N GLU A 79 21.45 0.51 -12.70
CA GLU A 79 21.60 -0.46 -11.63
C GLU A 79 20.29 -0.63 -10.87
N ALA A 80 19.55 0.45 -10.72
CA ALA A 80 18.34 0.51 -9.93
C ALA A 80 17.13 -0.02 -10.69
N ILE A 81 15.95 0.39 -10.21
CA ILE A 81 14.66 -0.03 -10.73
C ILE A 81 14.54 0.17 -12.24
N THR A 82 15.02 1.32 -12.73
CA THR A 82 15.30 1.67 -14.15
C THR A 82 14.02 1.95 -14.94
N GLU A 83 12.85 1.66 -14.37
CA GLU A 83 11.53 2.15 -14.78
C GLU A 83 11.04 1.58 -16.12
N ALA A 84 11.91 0.95 -16.90
CA ALA A 84 11.43 0.09 -17.97
C ALA A 84 11.09 -1.27 -17.39
N ASP A 85 11.76 -1.63 -16.30
CA ASP A 85 11.35 -2.76 -15.49
C ASP A 85 10.04 -2.48 -14.78
N LEU A 86 9.90 -1.27 -14.24
CA LEU A 86 8.75 -0.97 -13.39
C LEU A 86 7.48 -0.83 -14.21
N LEU A 87 7.57 -0.20 -15.38
CA LEU A 87 6.39 0.09 -16.15
C LEU A 87 5.81 -1.18 -16.76
N ALA A 88 6.65 -2.18 -17.01
CA ALA A 88 6.22 -3.36 -17.75
C ALA A 88 5.32 -4.24 -16.89
N GLY A 89 5.41 -4.12 -15.58
CA GLY A 89 4.52 -4.90 -14.75
C GLY A 89 5.22 -5.55 -13.59
N ARG A 90 6.49 -5.25 -13.40
CA ARG A 90 7.16 -5.78 -12.23
C ARG A 90 6.96 -4.81 -11.08
N TYR A 91 7.51 -5.19 -9.92
CA TYR A 91 7.45 -4.49 -8.65
C TYR A 91 6.02 -4.29 -8.16
N ASP A 92 5.05 -5.07 -8.64
CA ASP A 92 3.67 -4.83 -8.25
C ASP A 92 3.42 -5.27 -6.82
N GLY A 93 3.55 -6.56 -6.56
CA GLY A 93 3.37 -7.07 -5.22
C GLY A 93 4.71 -7.19 -4.54
N ALA A 94 5.58 -6.21 -4.76
CA ALA A 94 6.92 -6.25 -4.19
C ALA A 94 6.87 -6.12 -2.68
N ALA A 95 7.54 -7.01 -1.99
CA ALA A 95 7.53 -7.06 -0.54
C ALA A 95 8.82 -6.43 -0.02
N VAL A 96 8.70 -5.54 0.95
CA VAL A 96 9.85 -4.85 1.53
C VAL A 96 9.99 -5.26 2.97
N THR A 97 11.16 -5.02 3.54
CA THR A 97 11.34 -4.88 4.97
C THR A 97 12.15 -3.63 5.16
N VAL A 98 11.68 -2.70 5.99
CA VAL A 98 12.55 -1.59 6.34
C VAL A 98 13.31 -1.91 7.61
N TRP A 99 14.58 -1.53 7.64
CA TRP A 99 15.47 -1.88 8.72
C TRP A 99 15.99 -0.54 9.24
N LEU A 100 16.68 -0.58 10.37
CA LEU A 100 17.11 0.63 11.03
C LEU A 100 18.51 0.37 11.59
N VAL A 101 19.43 0.01 10.71
CA VAL A 101 20.62 -0.69 11.15
C VAL A 101 21.58 0.33 11.74
N ASN A 102 22.44 -0.15 12.62
CA ASN A 102 23.61 0.59 13.04
C ASN A 102 24.67 0.37 11.98
N TRP A 103 25.20 1.46 11.43
CA TRP A 103 26.20 1.26 10.39
C TRP A 103 27.55 0.91 10.98
N ALA A 104 27.78 1.25 12.25
CA ALA A 104 29.02 0.84 12.90
C ALA A 104 29.02 -0.67 13.13
N ASP A 105 27.86 -1.23 13.44
CA ASP A 105 27.71 -2.66 13.66
C ASP A 105 26.35 -3.10 13.15
N PRO A 106 26.25 -3.70 11.95
CA PRO A 106 24.96 -4.08 11.38
C PRO A 106 24.24 -5.21 12.08
N ALA A 107 24.81 -5.79 13.13
CA ALA A 107 24.10 -6.76 13.95
C ALA A 107 23.22 -6.10 15.00
N MET A 108 23.08 -4.78 14.95
CA MET A 108 22.24 -4.04 15.87
C MET A 108 21.12 -3.41 15.05
N ARG A 109 20.07 -4.17 14.80
CA ARG A 109 19.05 -3.75 13.87
C ARG A 109 17.70 -4.34 14.25
N ALA A 110 16.65 -3.78 13.67
CA ALA A 110 15.31 -4.32 13.78
C ALA A 110 14.54 -3.99 12.51
N VAL A 111 13.28 -4.38 12.50
CA VAL A 111 12.38 -4.09 11.40
C VAL A 111 11.36 -3.07 11.88
N ILE A 112 11.21 -1.99 11.14
CA ILE A 112 10.15 -1.04 11.48
C ILE A 112 8.80 -1.59 11.04
N PHE A 113 8.68 -1.98 9.76
CA PHE A 113 7.52 -2.75 9.31
C PHE A 113 7.93 -3.56 8.09
N ARG A 114 7.11 -4.55 7.77
CA ARG A 114 7.24 -5.29 6.53
C ARG A 114 6.08 -4.90 5.62
N GLY A 115 6.40 -4.27 4.52
CA GLY A 115 5.37 -3.65 3.71
C GLY A 115 5.14 -4.34 2.41
N HIS A 116 4.40 -3.66 1.55
CA HIS A 116 3.89 -4.31 0.38
C HIS A 116 3.97 -3.38 -0.81
N LEU A 117 4.37 -2.11 -0.61
CA LEU A 117 4.67 -1.14 -1.68
C LEU A 117 3.55 -1.05 -2.71
N GLY A 118 2.47 -0.37 -2.32
CA GLY A 118 1.30 -0.34 -3.18
C GLY A 118 1.45 0.60 -4.36
N GLU A 119 1.47 1.89 -4.09
CA GLU A 119 1.39 2.90 -5.15
C GLU A 119 2.77 3.48 -5.40
N VAL A 120 3.26 3.33 -6.63
CA VAL A 120 4.53 3.93 -7.02
C VAL A 120 4.28 4.98 -8.08
N SER A 121 4.65 6.21 -7.77
CA SER A 121 4.53 7.34 -8.67
C SER A 121 5.91 7.79 -9.08
N ARG A 122 6.25 7.59 -10.34
CA ARG A 122 7.56 7.96 -10.84
C ARG A 122 7.40 9.18 -11.71
N GLY A 123 8.40 10.07 -11.66
CA GLY A 123 8.35 11.28 -12.44
C GLY A 123 9.57 12.14 -12.22
N ALA A 124 9.91 12.96 -13.23
CA ALA A 124 11.01 13.92 -13.20
C ALA A 124 12.35 13.26 -12.91
N GLY A 125 12.53 12.06 -13.43
CA GLY A 125 13.76 11.35 -13.16
C GLY A 125 13.87 10.75 -11.79
N ALA A 126 12.76 10.61 -11.08
CA ALA A 126 12.76 10.02 -9.75
C ALA A 126 11.50 9.20 -9.58
N PHE A 127 11.40 8.49 -8.47
CA PHE A 127 10.23 7.68 -8.18
C PHE A 127 9.80 7.94 -6.75
N THR A 128 8.51 7.78 -6.51
CA THR A 128 7.93 7.96 -5.19
C THR A 128 6.96 6.83 -4.97
N ALA A 129 7.22 5.99 -3.98
CA ALA A 129 6.55 4.71 -3.89
C ALA A 129 5.90 4.53 -2.53
N GLU A 130 4.58 4.65 -2.46
CA GLU A 130 3.88 4.50 -1.19
C GLU A 130 3.96 3.07 -0.68
N LEU A 131 4.50 2.91 0.52
CA LEU A 131 4.64 1.61 1.15
C LEU A 131 3.39 1.30 1.95
N ARG A 132 2.43 0.60 1.34
CA ARG A 132 1.26 0.14 2.07
C ARG A 132 1.67 -0.85 3.14
N GLY A 133 0.95 -0.84 4.25
CA GLY A 133 1.33 -1.63 5.39
C GLY A 133 1.08 -3.11 5.30
N LEU A 134 1.24 -3.77 6.44
CA LEU A 134 1.06 -5.21 6.49
C LEU A 134 -0.38 -5.65 6.20
N THR A 135 -1.33 -4.81 6.59
CA THR A 135 -2.74 -5.11 6.45
C THR A 135 -3.40 -4.62 5.17
N ALA A 136 -2.72 -4.77 4.04
CA ALA A 136 -3.30 -4.33 2.78
C ALA A 136 -4.36 -5.28 2.30
N ALA A 137 -4.18 -6.58 2.56
CA ALA A 137 -5.09 -7.57 2.01
C ALA A 137 -6.46 -7.49 2.68
N LEU A 138 -6.48 -7.26 3.98
CA LEU A 138 -7.71 -6.89 4.65
C LEU A 138 -8.20 -5.57 4.08
N GLY A 139 -9.51 -5.43 3.97
CA GLY A 139 -10.08 -4.30 3.28
C GLY A 139 -10.46 -4.58 1.85
N GLN A 140 -10.36 -5.83 1.40
CA GLN A 140 -10.72 -6.24 0.06
C GLN A 140 -11.85 -7.25 0.13
N GLU A 141 -12.61 -7.36 -0.95
CA GLU A 141 -13.74 -8.29 -1.01
C GLU A 141 -13.25 -9.61 -1.60
N GLN A 142 -13.49 -10.71 -0.88
CA GLN A 142 -13.21 -12.05 -1.39
C GLN A 142 -14.47 -12.89 -1.22
N GLY A 143 -14.93 -13.51 -2.30
CA GLY A 143 -16.09 -14.38 -2.20
C GLY A 143 -16.49 -14.91 -3.55
N ARG A 144 -17.38 -15.90 -3.51
CA ARG A 144 -17.98 -16.47 -4.71
C ARG A 144 -19.47 -16.15 -4.69
N ILE A 145 -20.08 -16.00 -5.85
CA ILE A 145 -21.42 -15.45 -5.87
C ILE A 145 -22.43 -16.41 -6.50
N TYR A 146 -22.16 -17.72 -6.44
CA TYR A 146 -23.06 -18.79 -6.93
C TYR A 146 -23.38 -18.65 -8.42
N HIS A 147 -22.47 -18.07 -9.18
CA HIS A 147 -22.73 -17.82 -10.59
C HIS A 147 -22.61 -19.12 -11.37
N PRO A 148 -23.27 -19.23 -12.53
CA PRO A 148 -23.34 -20.53 -13.20
C PRO A 148 -22.10 -20.95 -13.94
N ARG A 149 -21.04 -20.15 -13.93
CA ARG A 149 -19.78 -20.62 -14.49
C ARG A 149 -18.99 -21.41 -13.44
N CYS A 150 -17.71 -21.62 -13.72
CA CYS A 150 -16.80 -22.04 -12.68
C CYS A 150 -16.35 -20.82 -11.89
N ALA A 151 -15.47 -21.05 -10.91
CA ALA A 151 -14.92 -19.94 -10.14
C ALA A 151 -13.42 -19.95 -9.97
N ALA A 152 -12.71 -21.00 -10.36
CA ALA A 152 -11.29 -21.12 -10.04
C ALA A 152 -10.43 -21.04 -11.29
N VAL A 153 -9.15 -20.80 -11.10
CA VAL A 153 -8.15 -20.88 -12.17
C VAL A 153 -7.69 -22.32 -12.29
N LEU A 154 -6.87 -22.61 -13.31
CA LEU A 154 -6.51 -23.99 -13.61
C LEU A 154 -5.59 -24.58 -12.57
N GLY A 155 -4.66 -23.79 -12.04
CA GLY A 155 -3.69 -24.33 -11.11
C GLY A 155 -4.22 -24.43 -9.70
N ASP A 156 -5.42 -23.91 -9.47
CA ASP A 156 -5.96 -23.67 -8.13
C ASP A 156 -6.16 -24.98 -7.39
N GLY A 157 -6.16 -24.91 -6.06
CA GLY A 157 -6.48 -26.06 -5.27
C GLY A 157 -7.92 -26.53 -5.41
N ARG A 158 -8.85 -25.62 -5.68
CA ARG A 158 -10.24 -26.02 -5.82
C ARG A 158 -10.48 -26.75 -7.13
N CYS A 159 -9.62 -26.56 -8.13
CA CYS A 159 -9.60 -27.42 -9.31
C CYS A 159 -8.17 -27.73 -9.69
N ARG A 160 -7.63 -28.80 -9.11
CA ARG A 160 -6.33 -29.30 -9.50
C ARG A 160 -6.45 -29.99 -10.86
N PHE A 161 -5.44 -29.83 -11.71
CA PHE A 161 -5.57 -30.38 -13.05
C PHE A 161 -4.40 -31.25 -13.51
N ASP A 162 -3.19 -31.06 -12.95
CA ASP A 162 -1.94 -31.56 -13.53
C ASP A 162 -1.78 -31.06 -14.96
N LEU A 163 -1.49 -29.75 -15.08
CA LEU A 163 -1.54 -29.04 -16.34
C LEU A 163 -0.48 -29.47 -17.35
N THR A 164 0.41 -30.38 -17.00
CA THR A 164 1.38 -30.89 -17.94
C THR A 164 1.10 -32.34 -18.35
N LYS A 165 -0.08 -32.87 -18.05
CA LYS A 165 -0.26 -34.32 -17.99
C LYS A 165 -0.20 -34.96 -19.36
N ASP A 166 -0.46 -34.21 -20.41
CA ASP A 166 -0.37 -34.74 -21.76
C ASP A 166 0.17 -33.63 -22.64
N GLY A 167 0.00 -33.78 -23.95
CA GLY A 167 0.17 -32.68 -24.86
C GLY A 167 -0.97 -31.70 -24.72
N TYR A 168 -0.98 -30.95 -23.61
CA TYR A 168 -1.90 -29.84 -23.43
C TYR A 168 -1.18 -28.51 -23.61
N ALA A 169 -0.04 -28.35 -22.94
CA ALA A 169 0.70 -27.10 -23.00
C ALA A 169 1.45 -26.97 -24.31
N LEU A 170 1.56 -25.74 -24.78
CA LEU A 170 2.28 -25.45 -26.02
C LEU A 170 3.57 -24.75 -25.66
N GLU A 171 4.68 -25.48 -25.75
CA GLU A 171 5.96 -25.07 -25.19
C GLU A 171 6.79 -24.28 -26.20
N ALA A 172 6.26 -24.06 -27.40
CA ALA A 172 7.09 -23.71 -28.55
C ALA A 172 7.66 -22.30 -28.45
N ALA A 173 8.84 -22.12 -29.00
CA ALA A 173 9.53 -20.84 -28.98
C ALA A 173 8.88 -19.89 -29.97
N LEU A 174 9.03 -18.60 -29.72
CA LEU A 174 8.22 -17.59 -30.39
C LEU A 174 8.92 -16.99 -31.59
N GLY A 175 8.14 -16.73 -32.64
CA GLY A 175 8.56 -15.85 -33.71
C GLY A 175 7.42 -14.94 -34.10
N GLY A 176 7.77 -13.80 -34.67
CA GLY A 176 6.78 -12.84 -35.14
C GLY A 176 5.96 -12.18 -34.06
N VAL A 177 6.64 -11.33 -33.27
CA VAL A 177 6.05 -10.74 -32.03
C VAL A 177 5.28 -9.48 -32.43
N ASP A 178 5.68 -8.82 -33.52
CA ASP A 178 4.90 -7.66 -34.02
C ASP A 178 4.71 -6.65 -32.89
N GLU A 179 3.45 -6.24 -32.64
CA GLU A 179 3.17 -5.22 -31.60
C GLU A 179 2.78 -5.91 -30.27
N ALA A 180 3.47 -7.00 -29.94
CA ALA A 180 3.43 -7.57 -28.57
C ALA A 180 2.01 -7.91 -28.16
N VAL A 181 1.04 -7.78 -29.06
CA VAL A 181 -0.28 -8.38 -28.90
C VAL A 181 -0.45 -9.54 -29.87
N VAL A 182 -0.22 -9.31 -31.15
CA VAL A 182 -0.18 -10.40 -32.11
C VAL A 182 1.14 -11.15 -31.89
N LEU A 183 1.08 -12.46 -31.94
CA LEU A 183 2.25 -13.32 -31.90
C LEU A 183 2.06 -14.37 -32.97
N ARG A 184 3.00 -14.45 -33.91
CA ARG A 184 2.85 -15.43 -34.99
C ARG A 184 2.96 -16.84 -34.45
N LEU A 185 4.14 -17.16 -33.91
CA LEU A 185 4.50 -18.49 -33.34
C LEU A 185 4.82 -19.46 -34.48
N ALA A 186 6.10 -19.82 -34.65
CA ALA A 186 6.47 -20.70 -35.79
C ALA A 186 5.79 -22.06 -35.65
N GLU A 187 5.83 -22.65 -34.43
CA GLU A 187 5.26 -24.00 -34.22
C GLU A 187 3.79 -23.90 -33.80
N GLY A 188 2.91 -23.37 -34.66
CA GLY A 188 1.47 -23.33 -34.34
C GLY A 188 0.89 -24.73 -34.25
N ALA A 189 1.28 -25.61 -35.17
CA ALA A 189 0.63 -26.92 -35.39
C ALA A 189 0.89 -27.85 -34.21
N GLY A 190 -0.11 -28.67 -33.84
CA GLY A 190 0.05 -29.64 -32.75
C GLY A 190 -1.21 -29.75 -31.90
N PHE A 191 -2.16 -28.84 -32.14
CA PHE A 191 -3.34 -28.68 -31.31
C PHE A 191 -4.57 -28.34 -32.13
N GLU A 192 -5.70 -28.26 -31.45
CA GLU A 192 -6.94 -27.87 -32.11
C GLU A 192 -6.91 -26.40 -32.48
N ASP A 193 -7.73 -26.04 -33.45
CA ASP A 193 -7.99 -24.63 -33.67
C ASP A 193 -8.82 -24.12 -32.51
N ARG A 194 -8.43 -22.96 -31.99
CA ARG A 194 -9.08 -22.29 -30.87
C ARG A 194 -9.06 -23.20 -29.63
N TRP A 195 -7.90 -23.82 -29.41
CA TRP A 195 -7.76 -24.71 -28.26
C TRP A 195 -7.66 -23.91 -26.97
N PHE A 196 -6.74 -22.97 -26.90
CA PHE A 196 -6.53 -22.17 -25.70
C PHE A 196 -6.96 -20.73 -25.93
N GLU A 197 -8.07 -20.37 -25.29
CA GLU A 197 -8.69 -19.05 -25.43
C GLU A 197 -8.59 -18.25 -24.15
N LYS A 198 -8.46 -18.90 -23.01
CA LYS A 198 -8.14 -18.22 -21.76
C LYS A 198 -7.00 -18.97 -21.07
N GLY A 199 -5.77 -18.66 -21.47
CA GLY A 199 -4.61 -19.34 -20.96
C GLY A 199 -3.55 -18.36 -20.48
N ARG A 200 -2.48 -18.92 -19.96
CA ARG A 200 -1.39 -18.14 -19.40
C ARG A 200 -0.22 -18.16 -20.37
N LEU A 201 0.09 -17.00 -20.94
CA LEU A 201 1.23 -16.87 -21.83
C LEU A 201 2.43 -16.51 -20.98
N VAL A 202 2.97 -17.50 -20.28
CA VAL A 202 4.16 -17.27 -19.50
C VAL A 202 5.36 -17.25 -20.44
N VAL A 203 6.09 -16.15 -20.46
CA VAL A 203 7.26 -16.02 -21.31
C VAL A 203 8.50 -16.04 -20.42
N LEU A 204 9.34 -17.05 -20.63
CA LEU A 204 10.38 -17.38 -19.67
C LEU A 204 11.79 -17.03 -20.12
N ASP A 205 11.95 -16.35 -21.25
CA ASP A 205 13.27 -15.98 -21.74
C ASP A 205 13.29 -14.53 -22.17
N GLY A 206 14.50 -14.00 -22.32
CA GLY A 206 14.69 -12.72 -22.96
C GLY A 206 14.26 -11.53 -22.11
N ALA A 207 13.66 -10.55 -22.81
CA ALA A 207 13.25 -9.31 -22.17
C ALA A 207 12.15 -9.54 -21.15
N ALA A 208 10.98 -9.98 -21.61
CA ALA A 208 9.91 -10.31 -20.68
C ALA A 208 10.21 -11.66 -20.07
N ALA A 209 10.88 -11.67 -18.93
CA ALA A 209 11.26 -12.90 -18.26
C ALA A 209 10.24 -13.19 -17.17
N GLY A 210 9.49 -14.28 -17.35
CA GLY A 210 8.50 -14.66 -16.36
C GLY A 210 7.31 -13.72 -16.28
N LEU A 211 6.83 -13.27 -17.42
CA LEU A 211 5.76 -12.29 -17.47
C LEU A 211 4.50 -12.96 -18.02
N ILE A 212 3.36 -12.68 -17.40
CA ILE A 212 2.12 -13.41 -17.65
C ILE A 212 1.15 -12.52 -18.40
N GLY A 213 0.67 -13.00 -19.55
CA GLY A 213 -0.44 -12.39 -20.24
C GLY A 213 -1.52 -13.42 -20.46
N VAL A 214 -2.66 -12.96 -20.96
CA VAL A 214 -3.80 -13.82 -21.23
C VAL A 214 -4.10 -13.84 -22.72
N VAL A 215 -4.37 -15.02 -23.25
CA VAL A 215 -4.54 -15.17 -24.69
C VAL A 215 -5.99 -14.87 -25.05
N LYS A 216 -6.22 -14.57 -26.33
CA LYS A 216 -7.52 -14.58 -26.97
C LYS A 216 -7.26 -14.71 -28.46
N ASN A 217 -8.28 -15.19 -29.20
CA ASN A 217 -8.24 -15.37 -30.65
C ASN A 217 -7.11 -16.30 -31.08
N ASP A 218 -7.20 -17.56 -30.63
CA ASP A 218 -6.27 -18.60 -31.03
C ASP A 218 -6.68 -19.13 -32.41
N ARG A 219 -6.12 -18.52 -33.44
CA ARG A 219 -6.46 -18.94 -34.80
C ARG A 219 -5.22 -19.27 -35.60
N LEU A 220 -5.28 -20.40 -36.30
CA LEU A 220 -4.17 -20.84 -37.15
C LEU A 220 -4.59 -20.60 -38.60
N GLN A 221 -3.80 -19.79 -39.29
CA GLN A 221 -4.24 -19.28 -40.58
C GLN A 221 -3.80 -20.18 -41.73
N ALA A 222 -2.57 -20.69 -41.67
CA ALA A 222 -2.01 -21.47 -42.76
C ALA A 222 -0.82 -22.26 -42.22
N ASP A 223 -0.89 -23.57 -42.43
CA ASP A 223 0.19 -24.52 -42.14
C ASP A 223 0.59 -24.50 -40.67
N GLY A 224 -0.40 -24.31 -39.80
CA GLY A 224 -0.12 -24.26 -38.38
C GLY A 224 0.63 -23.02 -37.95
N SER A 225 0.14 -21.84 -38.34
CA SER A 225 0.77 -20.61 -37.89
C SER A 225 0.40 -20.32 -36.44
N ARG A 226 -0.89 -20.41 -36.11
CA ARG A 226 -1.45 -20.14 -34.76
C ARG A 226 -1.18 -18.70 -34.32
N LEU A 227 -1.76 -17.75 -35.05
CA LEU A 227 -1.72 -16.36 -34.64
C LEU A 227 -2.60 -16.14 -33.41
N ILE A 228 -2.00 -15.67 -32.33
CA ILE A 228 -2.72 -15.50 -31.08
C ILE A 228 -2.67 -14.03 -30.66
N GLU A 229 -3.82 -13.50 -30.27
CA GLU A 229 -3.84 -12.17 -29.71
C GLU A 229 -3.64 -12.27 -28.22
N LEU A 230 -3.58 -11.11 -27.57
CA LEU A 230 -3.69 -11.05 -26.14
C LEU A 230 -4.67 -9.95 -25.78
N TRP A 231 -5.16 -10.01 -24.54
CA TRP A 231 -5.94 -8.90 -24.03
C TRP A 231 -5.09 -7.65 -23.91
N GLN A 232 -3.95 -7.77 -23.28
CA GLN A 232 -3.17 -6.59 -22.93
C GLN A 232 -1.76 -6.78 -23.41
N ARG A 233 -1.04 -5.66 -23.52
CA ARG A 233 0.38 -5.71 -23.84
C ARG A 233 1.14 -6.40 -22.73
N LEU A 234 2.25 -7.03 -23.11
CA LEU A 234 3.11 -7.62 -22.09
C LEU A 234 3.85 -6.53 -21.33
N GLY A 235 4.08 -5.39 -21.95
CA GLY A 235 4.80 -4.31 -21.35
C GLY A 235 6.29 -4.38 -21.59
N ALA A 236 6.81 -5.54 -21.95
CA ALA A 236 8.16 -5.68 -22.45
C ALA A 236 8.06 -6.40 -23.78
N ASN A 237 8.77 -5.90 -24.77
CA ASN A 237 8.71 -6.50 -26.09
C ASN A 237 9.47 -7.81 -26.12
N PRO A 238 8.84 -8.91 -26.48
CA PRO A 238 9.60 -10.12 -26.79
C PRO A 238 10.36 -9.97 -28.10
N VAL A 239 11.48 -10.68 -28.20
CA VAL A 239 12.46 -10.39 -29.25
C VAL A 239 12.43 -11.36 -30.41
N ALA A 240 11.29 -12.02 -30.67
CA ALA A 240 11.08 -12.99 -31.75
C ALA A 240 11.99 -14.21 -31.64
N GLY A 241 12.55 -14.44 -30.47
CA GLY A 241 13.31 -15.63 -30.17
C GLY A 241 13.01 -16.21 -28.82
N ASP A 242 12.10 -15.60 -28.08
CA ASP A 242 11.83 -16.03 -26.72
C ASP A 242 11.03 -17.32 -26.71
N ARG A 243 11.05 -17.97 -25.56
CA ARG A 243 10.27 -19.17 -25.35
C ARG A 243 9.08 -18.82 -24.47
N VAL A 244 7.90 -19.13 -24.96
CA VAL A 244 6.66 -18.99 -24.19
C VAL A 244 6.12 -20.38 -23.97
N ARG A 245 5.35 -20.56 -22.91
CA ARG A 245 4.50 -21.72 -22.80
C ARG A 245 3.10 -21.24 -22.52
N ILE A 246 2.12 -21.87 -23.16
CA ILE A 246 0.73 -21.46 -23.03
C ILE A 246 -0.06 -22.63 -22.51
N GLU A 247 -0.59 -22.49 -21.31
CA GLU A 247 -1.50 -23.46 -20.74
C GLU A 247 -2.82 -23.38 -21.48
N PRO A 248 -3.59 -24.45 -21.50
CA PRO A 248 -4.84 -24.44 -22.28
C PRO A 248 -5.89 -23.52 -21.69
N GLY A 249 -6.90 -23.27 -22.50
CA GLY A 249 -7.92 -22.28 -22.17
C GLY A 249 -9.15 -22.96 -21.59
N CYS A 250 -9.64 -22.40 -20.50
CA CYS A 250 -10.86 -22.89 -19.87
C CYS A 250 -11.96 -21.85 -20.01
N ASP A 251 -13.05 -22.27 -20.63
CA ASP A 251 -14.21 -21.41 -20.76
C ASP A 251 -14.97 -21.29 -19.45
N LYS A 252 -14.62 -22.11 -18.45
CA LYS A 252 -15.25 -22.17 -17.14
C LYS A 252 -16.73 -22.49 -17.25
N ARG A 253 -17.05 -23.49 -18.06
CA ARG A 253 -18.42 -23.93 -18.27
C ARG A 253 -18.45 -25.44 -18.29
N ALA A 254 -19.53 -26.01 -17.74
CA ALA A 254 -19.73 -27.45 -17.57
C ALA A 254 -19.55 -28.25 -18.85
N GLY A 255 -20.05 -27.73 -19.97
CA GLY A 255 -19.86 -28.39 -21.24
C GLY A 255 -18.41 -28.37 -21.68
N THR A 256 -17.76 -27.22 -21.53
CA THR A 256 -16.36 -27.10 -21.94
C THR A 256 -15.45 -27.74 -20.91
N CYS A 257 -15.93 -27.84 -19.66
CA CYS A 257 -15.18 -28.53 -18.62
C CYS A 257 -15.01 -30.00 -18.96
N ARG A 258 -16.12 -30.72 -19.09
CA ARG A 258 -16.09 -32.16 -19.16
C ARG A 258 -15.64 -32.64 -20.54
N LEU A 259 -15.92 -31.88 -21.58
CA LEU A 259 -15.52 -32.32 -22.92
C LEU A 259 -14.02 -32.17 -23.12
N LYS A 260 -13.51 -30.94 -23.00
CA LYS A 260 -12.10 -30.71 -23.30
C LYS A 260 -11.21 -31.29 -22.21
N PHE A 261 -11.61 -31.15 -20.95
CA PHE A 261 -10.81 -31.57 -19.82
C PHE A 261 -11.51 -32.76 -19.17
N ASP A 262 -10.77 -33.56 -18.42
CA ASP A 262 -11.45 -34.67 -17.77
C ASP A 262 -12.02 -34.24 -16.43
N ASN A 263 -11.50 -33.14 -15.88
CA ASN A 263 -11.76 -32.80 -14.50
C ASN A 263 -13.12 -32.12 -14.32
N PHE A 264 -14.20 -32.87 -14.52
CA PHE A 264 -15.52 -32.33 -14.23
C PHE A 264 -15.90 -32.52 -12.78
N LEU A 265 -15.25 -33.43 -12.09
CA LEU A 265 -15.47 -33.61 -10.65
C LEU A 265 -15.13 -32.35 -9.87
N ASN A 266 -13.93 -31.80 -10.07
CA ASN A 266 -13.49 -30.63 -9.33
C ASN A 266 -14.07 -29.36 -9.93
N PHE A 267 -15.38 -29.20 -9.92
CA PHE A 267 -15.96 -28.15 -10.75
C PHE A 267 -15.89 -26.81 -10.06
N ARG A 268 -16.28 -26.75 -8.78
CA ARG A 268 -16.35 -25.52 -7.98
C ARG A 268 -17.21 -24.45 -8.63
N GLY A 269 -18.36 -24.87 -9.17
CA GLY A 269 -19.27 -23.96 -9.83
C GLY A 269 -20.69 -24.37 -9.55
N PHE A 270 -21.63 -23.58 -10.05
CA PHE A 270 -23.02 -23.70 -9.64
C PHE A 270 -23.95 -23.72 -10.84
N PRO A 271 -24.11 -24.84 -11.51
CA PRO A 271 -24.73 -24.82 -12.83
C PRO A 271 -26.23 -24.60 -12.84
N HIS A 272 -26.95 -25.15 -11.87
CA HIS A 272 -28.40 -25.17 -12.04
C HIS A 272 -29.04 -23.88 -11.56
N ILE A 273 -28.93 -23.57 -10.26
CA ILE A 273 -29.28 -22.29 -9.59
C ILE A 273 -30.61 -21.71 -10.05
N PRO A 274 -31.74 -22.22 -9.56
CA PRO A 274 -33.06 -22.05 -10.21
C PRO A 274 -33.52 -20.64 -10.55
N GLY A 275 -33.60 -19.75 -9.57
CA GLY A 275 -33.93 -18.39 -9.92
C GLY A 275 -34.90 -17.78 -8.93
N GLU A 276 -35.10 -16.48 -9.06
CA GLU A 276 -35.98 -15.77 -8.15
C GLU A 276 -37.43 -16.13 -8.43
N ASP A 277 -37.78 -16.26 -9.71
CA ASP A 277 -39.16 -16.48 -10.08
C ASP A 277 -39.62 -17.86 -9.67
N TRP A 278 -38.70 -18.81 -9.57
CA TRP A 278 -39.03 -20.09 -8.99
C TRP A 278 -39.39 -19.96 -7.52
N MET A 279 -38.69 -19.08 -6.81
CA MET A 279 -38.80 -19.03 -5.35
C MET A 279 -40.15 -18.52 -4.90
N VAL A 280 -40.65 -17.46 -5.51
CA VAL A 280 -41.94 -16.93 -5.09
C VAL A 280 -43.06 -17.63 -5.82
N SER A 281 -42.74 -18.58 -6.70
CA SER A 281 -43.78 -19.31 -7.39
C SER A 281 -44.47 -20.29 -6.45
N TYR A 282 -45.78 -20.32 -6.55
CA TYR A 282 -46.60 -21.32 -5.92
C TYR A 282 -46.90 -22.37 -6.97
N PRO A 283 -47.06 -23.63 -6.62
CA PRO A 283 -47.20 -24.66 -7.66
C PRO A 283 -48.59 -24.68 -8.28
N VAL A 284 -48.70 -24.28 -9.54
CA VAL A 284 -49.96 -24.45 -10.25
C VAL A 284 -50.12 -25.93 -10.63
N GLN A 285 -51.36 -26.43 -10.57
CA GLN A 285 -51.61 -27.84 -10.87
C GLN A 285 -52.00 -28.01 -12.33
N SER A 286 -51.19 -27.43 -13.20
CA SER A 286 -51.46 -27.52 -14.62
C SER A 286 -50.16 -27.74 -15.38
N GLY A 287 -50.27 -28.53 -16.44
CA GLY A 287 -49.12 -28.75 -17.29
C GLY A 287 -48.15 -29.69 -16.62
N THR A 288 -46.87 -29.45 -16.87
CA THR A 288 -45.82 -30.33 -16.39
C THR A 288 -45.64 -30.13 -14.89
N ASN A 289 -46.01 -31.16 -14.12
CA ASN A 289 -45.66 -31.20 -12.72
C ASN A 289 -45.17 -32.60 -12.37
N ASP A 290 -44.26 -33.13 -13.18
CA ASP A 290 -43.56 -34.35 -12.80
C ASP A 290 -42.09 -34.04 -12.65
N GLY A 291 -41.39 -34.92 -11.96
CA GLY A 291 -40.00 -34.72 -11.62
C GLY A 291 -39.09 -34.76 -12.82
N GLY A 292 -38.33 -33.68 -13.02
CA GLY A 292 -37.44 -33.60 -14.17
C GLY A 292 -36.31 -32.65 -13.90
N SER A 293 -35.63 -32.26 -14.97
CA SER A 293 -34.44 -31.43 -14.89
C SER A 293 -34.70 -30.00 -14.45
N LEU A 294 -35.91 -29.50 -14.77
CA LEU A 294 -36.25 -28.06 -14.81
C LEU A 294 -35.33 -27.32 -15.79
N PHE A 295 -34.83 -28.04 -16.78
CA PHE A 295 -34.00 -27.48 -17.84
C PHE A 295 -34.24 -28.29 -19.11
N ALA B 2 -3.37 32.25 -17.34
CA ALA B 2 -4.54 32.83 -16.69
C ALA B 2 -4.71 32.24 -15.29
N THR B 3 -5.50 32.91 -14.44
CA THR B 3 -5.62 32.50 -13.05
C THR B 3 -6.49 31.26 -12.92
N ILE B 4 -6.61 30.78 -11.68
CA ILE B 4 -7.38 29.57 -11.38
C ILE B 4 -8.65 29.98 -10.65
N LEU B 5 -9.67 29.14 -10.77
CA LEU B 5 -11.01 29.38 -10.30
C LEU B 5 -11.17 28.88 -8.87
N LEU B 6 -12.42 28.75 -8.42
CA LEU B 6 -12.67 28.09 -7.15
C LEU B 6 -12.90 26.58 -7.29
N SER B 7 -12.35 25.97 -8.36
CA SER B 7 -12.06 24.55 -8.34
C SER B 7 -10.71 24.29 -7.70
N ALA B 8 -10.06 25.32 -7.15
CA ALA B 8 -9.01 25.12 -6.17
C ALA B 8 -9.55 24.36 -4.97
N ALA B 9 -10.83 24.59 -4.65
CA ALA B 9 -11.51 23.72 -3.71
C ALA B 9 -11.85 22.37 -4.35
N GLY B 10 -12.07 22.36 -5.65
CA GLY B 10 -12.36 21.11 -6.33
C GLY B 10 -11.16 20.20 -6.44
N ALA B 11 -10.00 20.76 -6.79
CA ALA B 11 -8.77 19.96 -6.82
C ALA B 11 -8.24 19.69 -5.43
N ALA B 12 -8.76 20.35 -4.41
CA ALA B 12 -8.40 20.00 -3.05
C ALA B 12 -9.09 18.73 -2.62
N ILE B 13 -10.25 18.43 -3.20
CA ILE B 13 -10.92 17.20 -2.83
C ILE B 13 -10.47 16.05 -3.72
N GLY B 14 -10.77 16.15 -5.00
CA GLY B 14 -10.62 15.00 -5.87
C GLY B 14 -9.63 15.22 -6.99
N GLY B 15 -8.49 14.55 -6.92
CA GLY B 15 -8.21 13.58 -5.89
C GLY B 15 -7.29 14.08 -4.79
N GLY B 16 -7.51 15.30 -4.32
CA GLY B 16 -6.68 15.83 -3.25
C GLY B 16 -6.86 15.09 -1.95
N PHE B 17 -8.08 14.62 -1.69
CA PHE B 17 -8.35 13.79 -0.54
C PHE B 17 -8.72 12.36 -0.89
N GLY B 18 -8.80 12.04 -2.18
CA GLY B 18 -9.00 10.66 -2.56
C GLY B 18 -7.78 9.80 -2.33
N GLY B 19 -6.61 10.43 -2.19
CA GLY B 19 -5.41 9.67 -1.90
C GLY B 19 -5.35 9.19 -0.46
N THR B 20 -6.21 9.74 0.40
CA THR B 20 -6.14 9.42 1.82
C THR B 20 -6.75 8.06 2.10
N VAL B 21 -8.03 7.89 1.77
CA VAL B 21 -8.74 6.67 2.13
C VAL B 21 -8.28 5.50 1.26
N LEU B 22 -7.57 5.77 0.18
CA LEU B 22 -6.78 4.75 -0.48
C LEU B 22 -5.77 4.16 0.49
N GLY B 23 -4.89 5.00 1.02
CA GLY B 23 -3.90 4.54 1.97
C GLY B 23 -4.40 4.59 3.40
N LEU B 24 -5.65 4.20 3.59
CA LEU B 24 -6.22 4.10 4.92
C LEU B 24 -7.31 3.04 4.85
N GLY B 38 -24.79 0.47 13.60
CA GLY B 38 -24.51 1.83 14.01
C GLY B 38 -23.07 2.05 14.42
N ARG B 39 -22.45 3.06 13.81
CA ARG B 39 -21.05 3.36 14.10
C ARG B 39 -20.89 4.29 15.29
N VAL B 40 -21.95 4.49 16.08
CA VAL B 40 -21.98 5.54 17.09
C VAL B 40 -21.04 5.15 18.23
N ILE B 41 -20.93 3.85 18.51
CA ILE B 41 -20.04 3.35 19.54
C ILE B 41 -18.85 2.62 18.96
N ASP B 42 -18.82 2.38 17.65
CA ASP B 42 -17.75 1.59 17.07
C ASP B 42 -16.44 2.35 17.06
N GLN B 43 -16.52 3.68 16.95
CA GLN B 43 -15.30 4.45 16.78
C GLN B 43 -14.60 4.69 18.10
N ARG B 44 -15.36 4.87 19.18
CA ARG B 44 -14.75 5.15 20.48
C ARG B 44 -14.02 3.94 21.01
N LEU B 45 -14.51 2.75 20.70
CA LEU B 45 -13.88 1.55 21.22
C LEU B 45 -12.57 1.25 20.53
N LEU B 46 -12.46 1.64 19.25
CA LEU B 46 -11.18 1.53 18.59
C LEU B 46 -10.33 2.76 18.86
N GLY B 47 -10.93 3.81 19.39
CA GLY B 47 -10.19 4.97 19.82
C GLY B 47 -10.03 6.00 18.72
N SER B 48 -8.92 6.75 18.83
CA SER B 48 -8.44 7.56 17.72
C SER B 48 -8.13 6.61 16.59
N GLY B 49 -7.23 5.65 16.87
CA GLY B 49 -7.08 4.39 16.16
C GLY B 49 -7.06 4.43 14.66
N SER B 50 -8.12 3.91 14.06
CA SER B 50 -8.39 4.11 12.66
C SER B 50 -9.89 4.13 12.42
N GLN B 51 -10.24 4.42 11.18
CA GLN B 51 -11.64 4.61 10.83
C GLN B 51 -12.38 3.29 10.86
N SER B 52 -13.43 3.22 11.68
CA SER B 52 -14.18 1.99 11.89
C SER B 52 -15.09 1.75 10.71
N VAL B 53 -14.86 0.64 10.01
CA VAL B 53 -15.63 0.34 8.81
C VAL B 53 -16.99 -0.21 9.21
N GLU B 54 -18.01 0.08 8.39
CA GLU B 54 -19.37 -0.38 8.65
C GLU B 54 -19.44 -1.90 8.72
N THR B 55 -20.08 -2.38 9.78
CA THR B 55 -19.84 -3.73 10.27
C THR B 55 -21.10 -4.31 10.86
N GLY B 56 -21.51 -5.45 10.31
CA GLY B 56 -22.40 -6.36 10.99
C GLY B 56 -23.80 -5.85 11.24
N ARG B 57 -24.47 -5.35 10.21
CA ARG B 57 -25.91 -5.17 10.33
C ARG B 57 -26.52 -6.55 10.46
N VAL B 58 -26.98 -6.87 11.67
CA VAL B 58 -27.31 -8.24 12.02
C VAL B 58 -28.54 -8.68 11.25
N ASP B 59 -28.50 -9.90 10.74
CA ASP B 59 -29.56 -10.41 9.89
C ASP B 59 -30.66 -10.94 10.79
N ARG B 60 -31.81 -10.29 10.78
CA ARG B 60 -32.99 -10.84 11.40
C ARG B 60 -33.94 -11.22 10.27
N LEU B 61 -34.84 -12.16 10.56
CA LEU B 61 -35.60 -12.91 9.56
C LEU B 61 -34.71 -13.42 8.42
N ARG B 62 -33.82 -14.34 8.80
CA ARG B 62 -33.01 -15.08 7.85
C ARG B 62 -33.87 -15.76 6.80
N LEU B 63 -33.77 -15.30 5.56
CA LEU B 63 -34.53 -15.87 4.46
C LEU B 63 -33.58 -16.32 3.36
N SER B 64 -34.02 -17.27 2.55
CA SER B 64 -33.20 -17.86 1.51
C SER B 64 -33.65 -17.34 0.17
N SER B 65 -32.76 -16.66 -0.54
CA SER B 65 -33.09 -16.11 -1.84
C SER B 65 -32.40 -16.95 -2.90
N ALA B 66 -33.17 -17.41 -3.88
CA ALA B 66 -32.65 -18.33 -4.87
C ALA B 66 -32.06 -17.66 -6.10
N SER B 67 -31.55 -16.43 -5.96
CA SER B 67 -31.04 -15.71 -7.13
C SER B 67 -29.63 -16.16 -7.47
N GLU B 68 -29.00 -15.43 -8.39
CA GLU B 68 -27.62 -15.70 -8.73
C GLU B 68 -26.65 -14.65 -8.23
N GLY B 69 -27.10 -13.66 -7.48
CA GLY B 69 -26.22 -12.60 -7.04
C GLY B 69 -25.92 -12.58 -5.56
N GLU B 70 -26.37 -13.56 -4.80
CA GLU B 70 -26.10 -13.62 -3.38
C GLU B 70 -24.73 -14.26 -3.19
N ALA B 71 -24.01 -13.83 -2.16
CA ALA B 71 -22.64 -14.28 -2.04
C ALA B 71 -22.55 -15.51 -1.13
N VAL B 72 -21.44 -16.22 -1.25
CA VAL B 72 -21.18 -17.38 -0.40
C VAL B 72 -20.92 -16.92 1.02
N GLY B 73 -21.73 -17.40 1.96
CA GLY B 73 -21.51 -17.09 3.35
C GLY B 73 -20.38 -17.88 3.96
N ARG B 74 -19.93 -17.42 5.12
CA ARG B 74 -18.91 -18.12 5.88
C ARG B 74 -19.28 -17.95 7.35
N LEU B 75 -19.01 -18.97 8.16
CA LEU B 75 -19.30 -18.88 9.58
C LEU B 75 -18.35 -19.78 10.34
N TRP B 76 -18.27 -19.61 11.66
CA TRP B 76 -17.36 -20.40 12.47
C TRP B 76 -18.09 -20.83 13.74
N GLY B 77 -18.70 -22.00 13.71
CA GLY B 77 -19.31 -22.50 14.92
C GLY B 77 -20.82 -22.59 14.78
N ARG B 78 -21.46 -22.85 15.91
CA ARG B 78 -22.88 -23.20 15.90
C ARG B 78 -23.71 -21.94 15.69
N MET B 79 -24.21 -21.76 14.48
CA MET B 79 -24.97 -20.58 14.11
C MET B 79 -25.86 -20.93 12.94
N ARG B 80 -27.08 -20.40 12.93
CA ARG B 80 -28.03 -20.68 11.86
C ARG B 80 -27.66 -19.83 10.65
N VAL B 81 -27.81 -20.40 9.47
CA VAL B 81 -27.53 -19.68 8.24
C VAL B 81 -28.66 -20.03 7.29
N ALA B 82 -28.99 -19.12 6.38
CA ALA B 82 -30.19 -19.29 5.58
C ALA B 82 -29.98 -20.32 4.48
N GLY B 83 -28.83 -20.30 3.83
CA GLY B 83 -28.63 -21.11 2.65
C GLY B 83 -29.36 -20.54 1.46
N GLN B 84 -29.17 -21.16 0.30
CA GLN B 84 -30.00 -20.80 -0.84
C GLN B 84 -30.14 -22.00 -1.76
N VAL B 85 -31.12 -21.90 -2.64
CA VAL B 85 -31.54 -22.98 -3.50
C VAL B 85 -30.55 -23.11 -4.64
N ILE B 86 -30.06 -24.32 -4.86
CA ILE B 86 -29.30 -24.69 -6.05
C ILE B 86 -29.83 -26.05 -6.48
N TRP B 87 -30.26 -26.16 -7.74
CA TRP B 87 -30.81 -27.41 -8.30
C TRP B 87 -32.04 -27.88 -7.50
N ALA B 88 -33.14 -27.22 -7.77
CA ALA B 88 -34.45 -27.73 -7.39
C ALA B 88 -35.11 -28.35 -8.61
N THR B 89 -35.63 -29.57 -8.46
CA THR B 89 -36.39 -30.17 -9.54
C THR B 89 -37.78 -29.58 -9.62
N ARG B 90 -38.54 -30.01 -10.61
CA ARG B 90 -39.89 -29.50 -10.79
C ARG B 90 -40.79 -30.07 -9.71
N PHE B 91 -41.92 -29.39 -9.46
CA PHE B 91 -42.87 -29.87 -8.48
C PHE B 91 -43.45 -31.18 -8.95
N PHE B 92 -43.52 -32.16 -8.06
CA PHE B 92 -44.00 -33.48 -8.41
C PHE B 92 -45.28 -33.78 -7.64
N GLU B 93 -46.36 -34.03 -8.37
CA GLU B 93 -47.65 -34.26 -7.74
C GLU B 93 -47.87 -35.74 -7.51
N SER B 94 -47.97 -36.13 -6.24
CA SER B 94 -48.33 -37.50 -5.92
C SER B 94 -49.83 -37.71 -6.03
N ALA B 95 -50.62 -36.70 -5.62
CA ALA B 95 -52.09 -36.69 -5.63
C ALA B 95 -52.72 -37.87 -4.89
N SER B 113 -49.69 -32.27 -1.20
CA SER B 113 -49.82 -33.14 -2.36
C SER B 113 -48.76 -32.87 -3.40
N TYR B 114 -47.58 -32.43 -2.96
CA TYR B 114 -46.50 -32.08 -3.86
C TYR B 114 -45.18 -32.66 -3.36
N SER B 115 -44.16 -32.60 -4.20
CA SER B 115 -42.86 -33.12 -3.83
C SER B 115 -41.75 -32.42 -4.62
N LEU B 116 -40.62 -32.20 -3.97
CA LEU B 116 -39.48 -31.57 -4.60
C LEU B 116 -38.21 -32.35 -4.33
N SER B 117 -37.14 -31.91 -4.95
CA SER B 117 -35.79 -32.35 -4.63
C SER B 117 -34.89 -31.12 -4.56
N LEU B 118 -34.82 -30.51 -3.39
CA LEU B 118 -34.02 -29.31 -3.20
C LEU B 118 -32.56 -29.66 -3.00
N ALA B 119 -31.72 -28.65 -3.09
CA ALA B 119 -30.39 -28.69 -2.50
C ALA B 119 -30.03 -27.31 -2.03
N LEU B 120 -29.90 -27.15 -0.72
CA LEU B 120 -29.64 -25.87 -0.11
C LEU B 120 -28.18 -25.79 0.29
N ALA B 121 -27.47 -24.80 -0.22
CA ALA B 121 -26.04 -24.66 0.01
C ALA B 121 -25.83 -23.69 1.15
N LEU B 122 -25.23 -24.17 2.23
CA LEU B 122 -25.14 -23.36 3.44
C LEU B 122 -23.92 -22.43 3.44
N CYS B 123 -22.73 -23.00 3.45
CA CYS B 123 -21.51 -22.25 3.65
C CYS B 123 -20.34 -23.04 3.09
N GLU B 124 -19.17 -22.43 3.09
CA GLU B 124 -18.03 -23.09 2.47
C GLU B 124 -17.21 -23.82 3.52
N GLY B 125 -16.21 -24.58 3.03
CA GLY B 125 -15.29 -25.30 3.87
C GLY B 125 -15.89 -26.58 4.42
N GLU B 126 -15.00 -27.46 4.88
CA GLU B 126 -15.46 -28.66 5.55
C GLU B 126 -16.11 -28.30 6.87
N ILE B 127 -17.30 -28.83 7.10
CA ILE B 127 -18.11 -28.50 8.25
C ILE B 127 -18.33 -29.76 9.06
N LEU B 128 -18.85 -29.58 10.27
CA LEU B 128 -19.46 -30.72 10.94
C LEU B 128 -20.93 -30.80 10.54
N ARG B 129 -21.63 -31.76 11.14
CA ARG B 129 -22.94 -32.13 10.63
C ARG B 129 -23.98 -31.06 10.92
N VAL B 130 -25.02 -31.04 10.09
CA VAL B 130 -26.12 -30.10 10.24
C VAL B 130 -27.26 -30.77 10.97
N GLY B 131 -27.61 -30.24 12.13
CA GLY B 131 -28.72 -30.75 12.89
C GLY B 131 -29.70 -29.63 13.18
N ARG B 132 -30.91 -30.04 13.57
CA ARG B 132 -31.99 -29.14 13.98
C ARG B 132 -32.39 -28.21 12.82
N VAL B 133 -32.95 -28.80 11.78
CA VAL B 133 -33.51 -28.01 10.69
C VAL B 133 -34.87 -27.46 11.05
N TRP B 134 -35.06 -26.16 10.89
CA TRP B 134 -36.40 -25.61 11.00
C TRP B 134 -36.70 -24.68 9.84
N ALA B 135 -37.83 -24.93 9.20
CA ALA B 135 -38.27 -24.22 8.01
C ALA B 135 -38.90 -22.89 8.41
N ASP B 136 -39.64 -22.31 7.48
CA ASP B 136 -40.58 -21.24 7.78
C ASP B 136 -41.45 -21.67 8.95
N GLY B 137 -41.36 -20.94 10.04
CA GLY B 137 -42.09 -21.27 11.24
C GLY B 137 -41.20 -21.94 12.27
N SER B 138 -41.84 -22.74 13.11
CA SER B 138 -41.23 -23.14 14.36
C SER B 138 -40.14 -24.18 14.17
N GLU B 139 -40.51 -25.37 13.70
CA GLU B 139 -39.61 -26.51 13.84
C GLU B 139 -40.17 -27.68 13.04
N ILE B 140 -39.27 -28.35 12.34
CA ILE B 140 -39.59 -29.63 11.72
C ILE B 140 -38.57 -30.64 12.20
N GLU B 141 -39.00 -31.88 12.35
CA GLU B 141 -38.11 -32.93 12.82
C GLU B 141 -37.32 -33.47 11.65
N VAL B 142 -36.00 -33.49 11.81
CA VAL B 142 -35.07 -33.93 10.79
C VAL B 142 -35.23 -35.42 10.48
N SER B 143 -35.79 -36.20 11.40
CA SER B 143 -36.10 -37.60 11.11
C SER B 143 -37.20 -37.70 10.07
N GLY B 144 -38.08 -36.71 10.01
CA GLY B 144 -39.10 -36.70 8.97
C GLY B 144 -38.53 -36.44 7.59
N LEU B 145 -37.39 -35.78 7.52
CA LEU B 145 -36.81 -35.45 6.23
C LEU B 145 -35.99 -36.60 5.69
N ASN B 146 -35.66 -36.50 4.40
CA ASN B 146 -34.73 -37.39 3.75
C ASN B 146 -33.46 -36.64 3.33
N MET B 147 -32.97 -35.73 4.17
CA MET B 147 -31.85 -34.90 3.77
C MET B 147 -30.53 -35.65 3.80
N ARG B 148 -29.67 -35.34 2.85
CA ARG B 148 -28.30 -35.84 2.83
C ARG B 148 -27.38 -34.64 2.98
N VAL B 149 -26.79 -34.49 4.16
CA VAL B 149 -25.87 -33.41 4.42
C VAL B 149 -24.54 -33.71 3.75
N TYR B 150 -23.78 -32.68 3.41
CA TYR B 150 -22.45 -32.86 2.85
C TYR B 150 -21.48 -31.89 3.48
N ARG B 151 -20.24 -32.34 3.69
CA ARG B 151 -19.26 -31.50 4.38
C ARG B 151 -18.74 -30.42 3.48
N GLY B 152 -18.81 -30.61 2.16
CA GLY B 152 -18.21 -29.67 1.26
C GLY B 152 -16.72 -29.81 1.26
N GLY B 153 -16.26 -31.05 1.25
CA GLY B 153 -14.86 -31.33 1.38
C GLY B 153 -14.06 -31.00 0.16
N GLU B 154 -12.85 -30.49 0.41
CA GLU B 154 -11.85 -30.27 -0.62
C GLU B 154 -11.39 -31.58 -1.25
N ASP B 155 -11.59 -32.70 -0.54
CA ASP B 155 -11.55 -34.06 -1.03
C ASP B 155 -12.47 -34.31 -2.23
N GLN B 156 -13.41 -33.40 -2.49
CA GLN B 156 -14.32 -33.44 -3.64
C GLN B 156 -15.17 -34.69 -3.58
N LEU B 157 -16.08 -34.66 -2.64
CA LEU B 157 -17.28 -35.47 -2.55
C LEU B 157 -17.92 -35.67 -3.92
N PRO B 158 -18.29 -36.90 -4.25
CA PRO B 158 -18.93 -37.15 -5.53
C PRO B 158 -20.36 -36.63 -5.57
N ASP B 159 -21.03 -37.00 -6.64
CA ASP B 159 -22.40 -36.59 -6.88
C ASP B 159 -23.33 -37.24 -5.84
N PRO B 160 -24.46 -36.61 -5.50
CA PRO B 160 -25.31 -37.19 -4.45
C PRO B 160 -26.13 -38.39 -4.89
N LYS B 161 -26.27 -38.59 -6.20
CA LYS B 161 -27.06 -39.55 -6.96
C LYS B 161 -28.55 -39.22 -6.91
N ILE B 162 -28.98 -38.28 -6.07
CA ILE B 162 -30.31 -37.71 -6.29
C ILE B 162 -30.28 -36.74 -7.46
N ALA B 163 -29.09 -36.22 -7.81
CA ALA B 163 -28.93 -35.49 -9.05
C ALA B 163 -28.72 -36.39 -10.26
N ALA B 164 -29.07 -37.68 -10.16
CA ALA B 164 -29.20 -38.51 -11.34
C ALA B 164 -30.53 -38.29 -12.04
N VAL B 165 -31.38 -37.45 -11.48
CA VAL B 165 -32.44 -36.78 -12.23
C VAL B 165 -31.79 -36.07 -13.41
N GLU B 166 -30.76 -35.29 -13.12
CA GLU B 166 -30.01 -34.65 -14.20
C GLU B 166 -29.19 -35.66 -14.98
N GLY B 167 -28.68 -36.69 -14.32
CA GLY B 167 -27.76 -37.63 -14.93
C GLY B 167 -26.34 -37.37 -14.49
N ALA B 168 -25.49 -38.39 -14.63
CA ALA B 168 -24.13 -38.30 -14.14
C ALA B 168 -23.29 -37.35 -14.99
N GLU B 169 -23.65 -37.21 -16.26
CA GLU B 169 -22.82 -36.45 -17.19
C GLU B 169 -22.93 -34.95 -16.93
N ALA B 170 -24.02 -34.50 -16.31
CA ALA B 170 -24.17 -33.11 -15.95
C ALA B 170 -24.35 -32.90 -14.45
N ALA B 171 -23.90 -33.84 -13.63
CA ALA B 171 -24.10 -33.73 -12.19
C ALA B 171 -23.00 -32.91 -11.56
N PRO B 172 -23.32 -31.91 -10.78
CA PRO B 172 -22.39 -30.79 -10.53
C PRO B 172 -21.19 -31.05 -9.63
N ALA B 173 -21.33 -31.84 -8.56
CA ALA B 173 -20.20 -32.26 -7.70
C ALA B 173 -19.47 -31.08 -7.07
N TYR B 174 -20.14 -30.40 -6.14
CA TYR B 174 -19.62 -29.18 -5.57
C TYR B 174 -18.43 -29.47 -4.64
N ARG B 175 -17.32 -28.81 -4.90
CA ARG B 175 -16.10 -29.08 -4.13
C ARG B 175 -16.12 -28.33 -2.80
N GLY B 176 -16.10 -27.00 -2.85
CA GLY B 176 -15.85 -26.25 -1.63
C GLY B 176 -17.10 -26.05 -0.79
N ILE B 177 -18.23 -25.75 -1.43
CA ILE B 177 -19.42 -25.35 -0.70
C ILE B 177 -20.09 -26.55 -0.08
N ALA B 178 -20.75 -26.35 1.06
CA ALA B 178 -21.37 -27.45 1.79
C ALA B 178 -22.90 -27.43 1.62
N TYR B 179 -23.35 -28.12 0.58
CA TYR B 179 -24.76 -28.15 0.26
C TYR B 179 -25.47 -29.27 0.99
N VAL B 180 -26.78 -29.08 1.21
CA VAL B 180 -27.63 -30.07 1.83
C VAL B 180 -28.77 -30.35 0.87
N VAL B 181 -28.84 -31.56 0.32
CA VAL B 181 -29.98 -31.88 -0.54
C VAL B 181 -31.16 -32.29 0.32
N LEU B 182 -32.34 -32.24 -0.28
CA LEU B 182 -33.57 -32.67 0.35
C LEU B 182 -34.29 -33.56 -0.64
N GLU B 183 -34.81 -34.69 -0.16
CA GLU B 183 -35.31 -35.73 -1.05
C GLU B 183 -36.78 -36.00 -0.77
N ASP B 184 -37.59 -35.87 -1.82
CA ASP B 184 -39.03 -36.16 -1.80
C ASP B 184 -39.74 -35.36 -0.72
N LEU B 185 -39.39 -34.09 -0.64
CA LEU B 185 -39.91 -33.23 0.40
C LEU B 185 -41.38 -32.92 0.13
N GLN B 186 -42.24 -33.35 1.03
CA GLN B 186 -43.66 -33.04 0.94
C GLN B 186 -43.85 -31.58 1.30
N LEU B 187 -44.39 -30.80 0.37
CA LEU B 187 -44.71 -29.41 0.63
C LEU B 187 -46.06 -29.25 1.30
N ALA B 188 -46.65 -30.33 1.78
CA ALA B 188 -47.99 -30.26 2.37
C ALA B 188 -48.11 -29.49 3.69
N PRO B 189 -47.24 -29.66 4.72
CA PRO B 189 -47.57 -29.01 6.01
C PRO B 189 -47.41 -27.50 6.00
N PHE B 190 -46.44 -26.99 5.27
CA PHE B 190 -46.25 -25.54 5.10
C PHE B 190 -46.78 -25.10 3.75
N GLY B 191 -48.10 -24.86 3.72
CA GLY B 191 -48.77 -24.42 2.51
C GLY B 191 -48.66 -25.45 1.41
N ASN B 192 -48.31 -24.98 0.23
CA ASN B 192 -47.73 -25.79 -0.83
C ASN B 192 -46.58 -25.08 -1.51
N ARG B 193 -46.33 -23.83 -1.18
CA ARG B 193 -45.17 -23.11 -1.65
C ARG B 193 -43.91 -23.66 -1.00
N VAL B 194 -42.78 -23.21 -1.52
CA VAL B 194 -41.50 -23.55 -0.90
C VAL B 194 -41.35 -22.71 0.37
N PRO B 195 -41.04 -23.31 1.52
CA PRO B 195 -40.82 -22.51 2.73
C PRO B 195 -39.37 -22.10 2.83
N GLN B 196 -39.13 -21.00 3.53
CA GLN B 196 -37.76 -20.55 3.79
C GLN B 196 -37.13 -21.47 4.83
N PHE B 197 -36.16 -22.25 4.41
CA PHE B 197 -35.48 -23.13 5.35
C PHE B 197 -34.31 -22.43 5.99
N THR B 198 -34.10 -22.69 7.27
CA THR B 198 -32.95 -22.17 8.01
C THR B 198 -32.31 -23.32 8.78
N PHE B 199 -30.98 -23.37 8.79
CA PHE B 199 -30.23 -24.55 9.21
C PHE B 199 -29.22 -24.19 10.27
N GLU B 200 -29.26 -24.88 11.40
CA GLU B 200 -28.14 -24.80 12.33
C GLU B 200 -26.94 -25.53 11.77
N VAL B 201 -25.82 -24.83 11.64
CA VAL B 201 -24.61 -25.39 11.05
C VAL B 201 -23.49 -25.28 12.07
N VAL B 202 -22.68 -26.33 12.18
CA VAL B 202 -21.47 -26.33 12.98
C VAL B 202 -20.28 -26.41 12.05
N ARG B 203 -19.42 -25.39 12.07
CA ARG B 203 -18.27 -25.34 11.19
C ARG B 203 -17.02 -25.15 12.02
N ALA B 204 -16.05 -26.03 11.83
CA ALA B 204 -14.81 -25.92 12.56
C ALA B 204 -13.87 -24.95 11.87
N ALA B 205 -13.15 -24.16 12.66
CA ALA B 205 -12.21 -23.20 12.10
C ALA B 205 -11.06 -23.91 11.42
N GLN B 206 -10.76 -23.48 10.20
CA GLN B 206 -9.79 -24.12 9.34
C GLN B 206 -8.65 -23.14 9.05
N GLY B 207 -7.79 -23.51 8.12
CA GLY B 207 -6.64 -22.68 7.85
C GLY B 207 -5.37 -23.26 8.45
N ALA B 208 -4.24 -22.75 7.96
CA ALA B 208 -2.95 -23.38 8.24
C ALA B 208 -2.56 -23.21 9.70
N LEU B 209 -3.00 -22.13 10.34
CA LEU B 209 -2.74 -21.97 11.75
C LEU B 209 -3.70 -22.82 12.56
N ALA B 210 -4.80 -23.25 11.97
CA ALA B 210 -5.78 -24.02 12.73
C ALA B 210 -5.45 -25.50 12.76
N GLU B 211 -4.81 -26.01 11.70
CA GLU B 211 -4.50 -27.43 11.69
C GLU B 211 -3.32 -27.74 12.60
N ALA B 212 -2.36 -26.84 12.67
CA ALA B 212 -1.46 -26.82 13.82
C ALA B 212 -2.25 -26.34 15.03
N GLU B 213 -1.81 -26.76 16.21
CA GLU B 213 -2.48 -26.47 17.48
C GLU B 213 -3.95 -26.84 17.45
N PRO B 214 -4.31 -28.12 17.48
CA PRO B 214 -5.71 -28.50 17.36
C PRO B 214 -6.47 -28.26 18.65
N ASP B 215 -7.60 -27.57 18.54
CA ASP B 215 -8.52 -27.44 19.70
C ASP B 215 -9.51 -28.61 19.68
N LEU B 216 -10.45 -28.63 20.62
CA LEU B 216 -11.41 -29.76 20.74
C LEU B 216 -11.70 -30.41 19.38
N THR B 217 -12.10 -29.63 18.37
CA THR B 217 -12.97 -30.16 17.34
C THR B 217 -12.28 -31.30 16.61
N ARG B 218 -10.96 -31.41 16.83
CA ARG B 218 -10.20 -32.62 16.42
C ARG B 218 -9.14 -32.92 17.48
N GLY B 219 -8.85 -31.95 18.35
CA GLY B 219 -7.86 -32.13 19.44
C GLY B 219 -8.31 -33.15 20.47
N LEU B 220 -9.63 -33.29 20.65
CA LEU B 220 -10.20 -34.16 21.71
C LEU B 220 -9.66 -35.58 21.52
N ARG B 221 -9.76 -36.11 20.30
CA ARG B 221 -9.23 -37.46 19.99
C ARG B 221 -9.82 -38.49 20.96
N ALA B 222 -11.15 -38.42 21.17
CA ALA B 222 -11.97 -39.38 21.95
C ALA B 222 -12.12 -38.94 23.41
N VAL B 223 -13.28 -38.40 23.77
CA VAL B 223 -13.55 -37.91 25.16
C VAL B 223 -14.35 -38.99 25.90
N ALA B 224 -15.47 -39.44 25.33
CA ALA B 224 -16.38 -40.40 25.99
C ALA B 224 -16.85 -39.85 27.35
N LEU B 225 -16.88 -40.72 28.37
CA LEU B 225 -17.23 -40.36 29.77
C LEU B 225 -18.59 -39.66 29.79
N ILE B 226 -19.59 -40.27 29.13
CA ILE B 226 -20.97 -39.69 29.14
C ILE B 226 -21.56 -39.91 30.53
N PRO B 227 -21.92 -38.82 31.30
CA PRO B 227 -22.27 -38.86 32.72
C PRO B 227 -23.51 -39.74 32.97
N GLY B 228 -24.54 -39.64 32.13
CA GLY B 228 -25.72 -40.50 32.27
C GLY B 228 -26.33 -40.42 33.65
N THR B 229 -26.55 -41.56 34.30
CA THR B 229 -27.10 -41.59 35.68
C THR B 229 -28.44 -40.83 35.74
N GLY B 230 -29.30 -41.04 34.75
CA GLY B 230 -30.62 -40.37 34.72
C GLY B 230 -31.34 -40.49 36.05
N TRP B 745 -37.19 -29.71 35.52
CA TRP B 745 -37.39 -31.12 35.24
C TRP B 745 -36.17 -31.92 35.68
N SER B 746 -34.99 -31.30 35.62
CA SER B 746 -33.76 -31.93 36.07
C SER B 746 -32.77 -30.89 36.57
N ASP B 747 -31.53 -31.34 36.78
CA ASP B 747 -30.51 -30.55 37.45
C ASP B 747 -29.53 -29.95 36.45
N GLY B 748 -29.98 -28.88 35.81
CA GLY B 748 -29.14 -28.10 34.92
C GLY B 748 -28.67 -26.79 35.50
N GLU B 749 -28.86 -26.58 36.80
CA GLU B 749 -28.45 -25.33 37.43
C GLU B 749 -26.93 -25.25 37.54
N ASN B 750 -26.26 -26.38 37.49
CA ASN B 750 -24.81 -26.42 37.46
C ASN B 750 -24.27 -26.82 36.09
N TYR B 751 -24.98 -26.50 35.01
CA TYR B 751 -24.45 -26.79 33.69
C TYR B 751 -23.40 -25.78 33.27
N ALA B 752 -23.54 -24.52 33.69
CA ALA B 752 -22.56 -23.51 33.34
C ALA B 752 -21.25 -23.72 34.07
N ARG B 753 -21.27 -24.51 35.13
CA ARG B 753 -20.07 -24.81 35.88
C ARG B 753 -19.70 -26.28 35.85
N GLY B 754 -20.45 -27.09 35.11
CA GLY B 754 -20.22 -28.52 35.13
C GLY B 754 -19.08 -28.93 34.21
N HIS B 755 -18.44 -30.04 34.55
CA HIS B 755 -17.28 -30.50 33.80
C HIS B 755 -17.63 -31.02 32.42
N TRP B 756 -18.87 -31.40 32.17
CA TRP B 756 -19.17 -32.04 30.90
C TRP B 756 -19.28 -30.99 29.80
N ILE B 757 -19.02 -31.44 28.57
CA ILE B 757 -18.74 -30.53 27.47
C ILE B 757 -19.78 -30.61 26.37
N SER B 758 -21.03 -30.92 26.70
CA SER B 758 -22.07 -30.94 25.69
C SER B 758 -22.40 -29.53 25.24
N GLY B 759 -22.56 -29.35 23.95
CA GLY B 759 -22.85 -28.02 23.44
C GLY B 759 -21.65 -27.13 23.23
N ARG B 760 -20.87 -26.87 24.28
CA ARG B 760 -19.77 -25.94 24.14
C ARG B 760 -18.51 -26.59 23.56
N ALA B 761 -18.59 -27.85 23.15
CA ALA B 761 -17.45 -28.46 22.47
C ALA B 761 -17.30 -27.92 21.06
N VAL B 762 -18.37 -27.36 20.52
CA VAL B 762 -18.36 -26.83 19.16
C VAL B 762 -17.48 -25.59 19.06
N ALA B 763 -17.59 -24.68 20.04
CA ALA B 763 -17.10 -23.32 19.94
C ALA B 763 -15.59 -23.26 19.74
N GLN B 764 -15.19 -22.59 18.68
CA GLN B 764 -13.79 -22.52 18.30
C GLN B 764 -13.05 -21.45 19.09
N PRO B 765 -11.77 -21.65 19.35
CA PRO B 765 -10.99 -20.64 20.04
C PRO B 765 -10.83 -19.43 19.14
N LEU B 766 -10.70 -18.26 19.77
CA LEU B 766 -10.63 -17.02 19.02
C LEU B 766 -9.32 -16.91 18.25
N ALA B 767 -8.34 -17.72 18.62
CA ALA B 767 -7.03 -17.66 18.00
C ALA B 767 -7.08 -18.10 16.55
N SER B 768 -7.86 -19.13 16.24
CA SER B 768 -7.79 -19.71 14.89
C SER B 768 -8.79 -19.07 13.96
N VAL B 769 -9.86 -18.49 14.49
CA VAL B 769 -10.85 -17.84 13.65
C VAL B 769 -10.29 -16.55 13.06
N VAL B 770 -9.57 -15.77 13.88
CA VAL B 770 -8.88 -14.61 13.35
C VAL B 770 -7.70 -15.04 12.49
N ALA B 771 -7.21 -16.26 12.68
CA ALA B 771 -6.20 -16.80 11.78
C ALA B 771 -6.81 -17.25 10.49
N GLU B 772 -8.09 -17.63 10.53
CA GLU B 772 -8.75 -18.08 9.32
C GLU B 772 -9.04 -16.89 8.40
N ILE B 773 -9.32 -15.72 9.00
CA ILE B 773 -9.59 -14.51 8.24
C ILE B 773 -8.37 -14.06 7.46
N CYS B 774 -7.24 -13.93 8.14
CA CYS B 774 -6.01 -13.53 7.48
C CYS B 774 -5.48 -14.62 6.56
N GLY B 775 -5.83 -15.88 6.83
CA GLY B 775 -5.48 -16.93 5.90
C GLY B 775 -6.26 -16.83 4.60
N ALA B 776 -7.56 -16.55 4.71
CA ALA B 776 -8.38 -16.38 3.51
C ALA B 776 -8.02 -15.08 2.80
N ALA B 777 -7.60 -14.07 3.56
CA ALA B 777 -7.14 -12.85 2.93
C ALA B 777 -5.75 -13.02 2.34
N GLY B 778 -5.00 -14.00 2.82
CA GLY B 778 -3.71 -14.31 2.26
C GLY B 778 -2.53 -13.96 3.12
N ILE B 779 -2.75 -13.34 4.28
CA ILE B 779 -1.66 -13.03 5.18
C ILE B 779 -1.32 -14.29 5.96
N THR B 780 -0.27 -14.99 5.55
CA THR B 780 0.16 -16.14 6.33
C THR B 780 1.20 -15.75 7.35
N GLU B 781 1.61 -14.49 7.38
CA GLU B 781 2.62 -14.08 8.32
C GLU B 781 1.97 -13.78 9.67
N ILE B 782 0.68 -14.10 9.77
CA ILE B 782 -0.18 -13.72 10.94
C ILE B 782 0.32 -14.29 12.27
N ASP B 783 0.45 -13.45 13.29
CA ASP B 783 0.91 -13.92 14.63
C ASP B 783 -0.27 -13.81 15.60
N VAL B 784 -0.72 -14.94 16.17
CA VAL B 784 -1.89 -14.94 17.09
C VAL B 784 -1.67 -16.01 18.18
N SER B 785 -0.75 -15.74 19.12
CA SER B 785 -0.61 -16.58 20.29
C SER B 785 -1.13 -15.89 21.52
N GLY B 786 -1.36 -14.59 21.48
CA GLY B 786 -1.84 -13.86 22.62
C GLY B 786 -3.34 -13.78 22.71
N LEU B 787 -4.07 -14.54 21.91
CA LEU B 787 -5.52 -14.46 21.94
C LEU B 787 -6.09 -15.60 22.77
N TYR B 788 -7.10 -15.26 23.56
CA TYR B 788 -7.76 -16.15 24.49
C TYR B 788 -9.25 -15.85 24.45
N GLY B 789 -9.99 -16.51 23.59
CA GLY B 789 -11.42 -16.32 23.59
C GLY B 789 -12.10 -17.47 22.88
N LEU B 790 -13.38 -17.64 23.15
CA LEU B 790 -14.19 -18.63 22.45
C LEU B 790 -15.15 -17.89 21.53
N VAL B 791 -15.29 -18.40 20.30
CA VAL B 791 -16.04 -17.66 19.29
C VAL B 791 -17.53 -17.91 19.42
N ARG B 792 -17.93 -19.19 19.34
CA ARG B 792 -19.32 -19.66 19.46
C ARG B 792 -20.21 -19.05 18.38
N GLY B 793 -19.88 -19.32 17.12
CA GLY B 793 -20.82 -18.99 16.06
C GLY B 793 -20.81 -17.58 15.49
N TYR B 794 -19.66 -17.11 15.03
CA TYR B 794 -19.62 -15.87 14.28
C TYR B 794 -20.08 -16.12 12.86
N THR B 795 -20.59 -15.10 12.18
CA THR B 795 -21.03 -15.25 10.79
C THR B 795 -20.96 -13.94 10.03
N MET B 796 -20.08 -13.90 9.04
CA MET B 796 -20.00 -12.77 8.12
C MET B 796 -20.29 -13.29 6.73
N THR B 797 -20.85 -12.45 5.87
CA THR B 797 -21.19 -12.96 4.55
C THR B 797 -20.01 -12.83 3.60
N GLY B 798 -20.21 -13.25 2.38
CA GLY B 798 -19.25 -12.95 1.34
C GLY B 798 -19.26 -11.48 1.01
N ASP B 799 -18.11 -11.00 0.56
CA ASP B 799 -17.86 -9.59 0.26
C ASP B 799 -18.13 -8.71 1.48
N GLN B 800 -17.72 -9.20 2.65
CA GLN B 800 -17.77 -8.41 3.88
C GLN B 800 -16.41 -7.82 4.21
N THR B 801 -15.66 -7.42 3.18
CA THR B 801 -14.48 -6.56 3.20
C THR B 801 -13.28 -7.32 3.79
N GLY B 802 -13.46 -8.50 4.36
CA GLY B 802 -12.40 -9.13 5.10
C GLY B 802 -12.26 -8.54 6.48
N ARG B 803 -11.88 -7.26 6.55
CA ARG B 803 -11.56 -6.67 7.84
C ARG B 803 -12.81 -6.33 8.63
N ALA B 804 -13.91 -6.00 7.95
CA ALA B 804 -15.12 -5.62 8.66
C ALA B 804 -15.74 -6.81 9.36
N GLY B 805 -15.49 -8.01 8.85
CA GLY B 805 -15.83 -9.20 9.62
C GLY B 805 -14.94 -9.35 10.83
N LEU B 806 -13.68 -8.93 10.72
CA LEU B 806 -12.78 -9.07 11.86
C LEU B 806 -13.04 -7.97 12.87
N GLN B 807 -13.55 -6.84 12.42
CA GLN B 807 -13.67 -5.66 13.27
C GLN B 807 -14.79 -5.83 14.29
N ALA B 808 -15.73 -6.74 14.03
CA ALA B 808 -16.74 -7.05 15.03
C ALA B 808 -16.12 -7.78 16.21
N LEU B 809 -15.06 -8.54 15.95
CA LEU B 809 -14.40 -9.24 17.04
C LEU B 809 -13.57 -8.28 17.88
N MET B 810 -13.08 -7.20 17.26
CA MET B 810 -12.30 -6.22 18.00
C MET B 810 -13.19 -5.40 18.94
N LEU B 811 -14.50 -5.44 18.74
CA LEU B 811 -15.39 -4.80 19.68
C LEU B 811 -15.76 -5.75 20.81
N ALA B 812 -15.90 -7.03 20.49
CA ALA B 812 -16.32 -7.99 21.50
C ALA B 812 -15.16 -8.31 22.45
N TYR B 813 -14.07 -8.84 21.90
CA TYR B 813 -12.98 -9.27 22.77
C TYR B 813 -11.93 -8.18 22.94
N GLY B 814 -12.04 -7.11 22.16
CA GLY B 814 -11.28 -5.92 22.45
C GLY B 814 -9.83 -5.94 22.07
N PHE B 815 -9.39 -6.92 21.28
CA PHE B 815 -7.97 -7.15 21.10
C PHE B 815 -7.31 -6.11 20.20
N GLU B 816 -5.97 -6.11 20.21
CA GLU B 816 -5.22 -4.96 19.72
C GLU B 816 -5.21 -4.86 18.20
N ALA B 817 -4.92 -5.97 17.52
CA ALA B 817 -4.44 -5.99 16.13
C ALA B 817 -3.23 -5.07 15.98
N LEU B 818 -2.14 -5.46 16.62
CA LEU B 818 -1.13 -4.48 17.00
C LEU B 818 -0.20 -4.15 15.84
N GLU B 819 0.49 -5.17 15.31
CA GLU B 819 1.54 -5.04 14.28
C GLU B 819 2.73 -4.19 14.76
N ARG B 820 3.47 -4.75 15.72
CA ARG B 820 4.81 -4.23 16.02
C ARG B 820 5.73 -4.38 14.83
N ASP B 821 5.94 -5.60 14.41
CA ASP B 821 6.82 -5.96 13.32
C ASP B 821 5.96 -6.46 12.20
N GLY B 822 6.57 -7.11 11.22
CA GLY B 822 5.80 -7.66 10.12
C GLY B 822 4.96 -8.87 10.47
N GLN B 823 4.90 -9.25 11.74
CA GLN B 823 4.14 -10.42 12.14
C GLN B 823 2.65 -10.13 12.24
N LEU B 824 2.27 -8.84 12.41
CA LEU B 824 0.90 -8.40 12.71
C LEU B 824 0.40 -9.13 13.96
N VAL B 825 1.02 -8.81 15.08
CA VAL B 825 0.68 -9.48 16.33
C VAL B 825 -0.73 -9.07 16.76
N PHE B 826 -1.60 -10.04 16.92
CA PHE B 826 -2.93 -9.85 17.48
C PHE B 826 -2.87 -10.22 18.95
N ARG B 827 -2.71 -9.23 19.83
CA ARG B 827 -2.70 -9.55 21.25
C ARG B 827 -3.97 -9.06 21.89
N MET B 828 -4.41 -9.78 22.90
CA MET B 828 -5.56 -9.36 23.68
C MET B 828 -5.20 -8.11 24.47
N ARG B 829 -6.11 -7.17 24.52
CA ARG B 829 -5.81 -5.88 25.14
C ARG B 829 -5.89 -6.01 26.65
N ASP B 830 -4.83 -5.58 27.33
CA ASP B 830 -4.82 -5.51 28.79
C ASP B 830 -4.25 -4.18 29.22
N GLY B 831 -4.22 -3.96 30.52
CA GLY B 831 -3.62 -2.78 31.10
C GLY B 831 -2.18 -2.94 31.52
N ARG B 832 -1.49 -3.98 31.05
CA ARG B 832 -0.13 -4.27 31.51
C ARG B 832 0.86 -3.24 30.98
N VAL B 833 1.36 -2.41 31.86
CA VAL B 833 2.09 -1.19 31.50
C VAL B 833 3.51 -1.58 31.10
N ALA B 834 3.95 -1.07 29.96
CA ALA B 834 5.26 -1.37 29.43
C ALA B 834 6.23 -0.21 29.44
N ALA B 835 5.77 1.02 29.70
CA ALA B 835 6.61 2.17 29.39
C ALA B 835 7.20 2.81 30.63
N ASP B 836 6.35 3.25 31.56
CA ASP B 836 6.74 4.06 32.73
C ASP B 836 7.49 5.33 32.33
N LEU B 837 6.84 6.21 31.59
CA LEU B 837 7.44 7.52 31.35
C LEU B 837 7.17 8.46 32.51
N ALA B 838 8.18 9.22 32.89
CA ALA B 838 7.91 10.40 33.70
C ALA B 838 7.55 11.55 32.78
N ALA B 839 7.11 12.66 33.39
CA ALA B 839 6.83 13.86 32.60
C ALA B 839 8.11 14.48 32.06
N ALA B 840 9.24 14.17 32.68
CA ALA B 840 10.51 14.73 32.25
C ALA B 840 11.05 14.02 31.02
N ASP B 841 10.40 12.93 30.60
CA ASP B 841 11.03 12.07 29.63
C ASP B 841 10.32 12.08 28.29
N LEU B 842 9.46 13.06 28.05
CA LEU B 842 8.79 13.18 26.76
C LEU B 842 9.65 14.06 25.87
N ALA B 843 9.46 13.93 24.57
CA ALA B 843 10.24 14.76 23.65
C ALA B 843 9.51 16.06 23.37
N LEU B 844 10.17 16.92 22.62
CA LEU B 844 9.55 18.16 22.19
C LEU B 844 8.67 17.92 20.98
N GLY B 845 7.38 18.10 21.16
CA GLY B 845 6.44 17.77 20.11
C GLY B 845 6.40 18.80 19.01
N GLU B 846 5.41 18.64 18.13
CA GLU B 846 5.21 19.61 17.07
C GLU B 846 4.55 20.88 17.58
N GLY B 847 3.47 20.73 18.34
CA GLY B 847 2.71 21.87 18.89
C GLY B 847 3.42 22.51 20.07
N GLU B 848 4.64 22.06 20.38
CA GLU B 848 5.43 22.66 21.49
C GLU B 848 4.62 22.61 22.79
N ALA B 849 3.98 21.46 23.04
CA ALA B 849 3.42 21.11 24.37
C ALA B 849 3.89 19.70 24.73
N VAL B 850 4.42 19.50 25.94
CA VAL B 850 4.97 18.17 26.32
C VAL B 850 3.84 17.14 26.26
N VAL B 851 2.65 17.47 26.77
CA VAL B 851 1.48 16.55 26.71
C VAL B 851 0.21 17.37 26.51
N GLU B 852 -0.36 17.33 25.30
CA GLU B 852 -1.67 17.89 25.02
C GLU B 852 -2.69 16.85 25.41
N THR B 853 -3.60 17.22 26.30
CA THR B 853 -4.55 16.27 26.85
C THR B 853 -5.96 16.73 26.50
N VAL B 854 -6.66 15.90 25.73
CA VAL B 854 -7.99 16.24 25.25
C VAL B 854 -9.00 15.44 26.05
N ARG B 855 -9.97 16.12 26.62
CA ARG B 855 -11.11 15.48 27.26
C ARG B 855 -12.34 15.71 26.42
N ALA B 856 -13.02 14.63 26.06
CA ALA B 856 -14.11 14.72 25.10
C ALA B 856 -15.35 15.35 25.74
N ALA B 857 -16.34 15.60 24.91
CA ALA B 857 -17.50 16.35 25.34
C ALA B 857 -18.39 15.50 26.24
N GLU B 858 -18.99 16.15 27.23
CA GLU B 858 -19.92 15.44 28.10
C GLU B 858 -21.21 15.10 27.37
N ALA B 859 -21.61 15.95 26.42
CA ALA B 859 -22.82 15.69 25.66
C ALA B 859 -22.71 14.49 24.75
N GLU B 860 -21.49 13.99 24.50
CA GLU B 860 -21.30 12.76 23.76
C GLU B 860 -20.37 11.84 24.53
N ILE B 861 -20.94 11.10 25.49
CA ILE B 861 -20.19 10.12 26.27
C ILE B 861 -20.78 8.73 26.19
N ALA B 862 -21.84 8.54 25.40
CA ALA B 862 -22.59 7.30 25.32
C ALA B 862 -23.10 6.87 26.69
N GLY B 863 -24.09 7.60 27.19
CA GLY B 863 -24.65 7.31 28.50
C GLY B 863 -25.23 5.91 28.64
N ARG B 864 -25.77 5.37 27.56
CA ARG B 864 -26.28 4.01 27.54
C ARG B 864 -25.90 3.33 26.23
N VAL B 865 -25.42 2.09 26.32
CA VAL B 865 -24.84 1.36 25.18
C VAL B 865 -25.74 0.15 24.92
N ARG B 866 -25.81 -0.33 23.68
CA ARG B 866 -26.69 -1.43 23.33
C ARG B 866 -26.00 -2.42 22.39
N LEU B 867 -26.48 -3.66 22.39
CA LEU B 867 -26.03 -4.68 21.45
C LEU B 867 -27.18 -5.26 20.65
N ALA B 868 -26.81 -6.10 19.68
CA ALA B 868 -27.75 -6.90 18.90
C ALA B 868 -27.20 -8.30 18.67
N TYR B 869 -26.79 -8.96 19.73
CA TYR B 869 -26.20 -10.29 19.65
C TYR B 869 -27.22 -11.35 19.26
N VAL B 870 -26.75 -12.57 19.09
CA VAL B 870 -27.62 -13.69 18.76
C VAL B 870 -27.69 -14.66 19.95
N GLU B 871 -28.87 -15.26 20.17
CA GLU B 871 -29.23 -15.91 21.43
C GLU B 871 -28.29 -17.03 21.83
N ALA B 872 -27.83 -17.83 20.86
CA ALA B 872 -26.73 -18.80 20.98
C ALA B 872 -26.97 -19.99 21.90
N GLU B 873 -28.08 -20.01 22.63
CA GLU B 873 -28.42 -21.21 23.36
C GLU B 873 -29.72 -21.78 22.88
N GLY B 874 -30.75 -20.98 22.89
CA GLY B 874 -32.04 -21.43 22.40
C GLY B 874 -32.14 -21.33 20.89
N ASP B 875 -33.37 -21.14 20.45
CA ASP B 875 -33.66 -20.79 19.08
C ASP B 875 -32.95 -19.48 18.74
N PHE B 876 -32.02 -19.52 17.79
CA PHE B 876 -31.13 -18.40 17.53
C PHE B 876 -31.87 -17.18 17.02
N GLU B 877 -32.06 -16.18 17.87
CA GLU B 877 -32.85 -15.02 17.52
C GLU B 877 -32.11 -13.78 17.94
N VAL B 878 -32.44 -12.65 17.30
CA VAL B 878 -31.76 -11.40 17.63
C VAL B 878 -32.27 -10.91 18.97
N LYS B 879 -31.35 -10.57 19.85
CA LYS B 879 -31.70 -10.06 21.16
C LYS B 879 -30.93 -8.77 21.42
N ALA B 880 -31.18 -8.18 22.58
CA ALA B 880 -30.56 -6.92 22.91
C ALA B 880 -30.49 -6.77 24.43
N VAL B 881 -29.34 -6.33 24.91
CA VAL B 881 -29.20 -5.89 26.29
C VAL B 881 -28.61 -4.51 26.27
N GLU B 882 -28.74 -3.80 27.39
CA GLU B 882 -28.19 -2.46 27.47
C GLU B 882 -27.61 -2.24 28.85
N ALA B 883 -26.61 -1.36 28.91
CA ALA B 883 -26.01 -0.96 30.17
C ALA B 883 -26.17 0.54 30.32
N VAL B 884 -26.68 0.95 31.46
CA VAL B 884 -27.10 2.32 31.69
C VAL B 884 -26.29 2.86 32.86
N PHE B 885 -25.60 3.96 32.63
CA PHE B 885 -24.82 4.55 33.70
C PHE B 885 -25.75 5.31 34.64
N PRO B 886 -25.65 5.13 35.95
CA PRO B 886 -26.69 5.64 36.87
C PRO B 886 -26.75 7.14 37.01
N ASP B 887 -25.62 7.83 36.99
CA ASP B 887 -25.65 9.29 37.14
C ASP B 887 -26.22 9.95 35.89
N ALA B 888 -25.61 9.71 34.75
CA ALA B 888 -26.03 10.32 33.50
C ALA B 888 -26.71 9.27 32.65
N ALA B 889 -28.01 9.10 32.87
CA ALA B 889 -28.84 8.29 31.99
C ALA B 889 -29.68 9.15 31.08
N ALA B 890 -29.46 10.46 31.10
CA ALA B 890 -30.36 11.41 30.48
C ALA B 890 -30.33 11.36 28.96
N GLY B 891 -29.34 10.72 28.36
CA GLY B 891 -29.29 10.62 26.93
C GLY B 891 -28.00 9.97 26.48
N ALA B 892 -27.66 10.27 25.22
CA ALA B 892 -26.56 9.67 24.47
C ALA B 892 -26.68 8.16 24.38
N ALA B 893 -27.75 7.64 23.78
CA ALA B 893 -27.77 6.21 23.49
C ALA B 893 -26.86 5.91 22.32
N ALA B 894 -25.93 4.99 22.48
CA ALA B 894 -25.04 4.60 21.41
C ALA B 894 -25.00 3.08 21.32
N GLY B 895 -25.64 2.52 20.31
CA GLY B 895 -25.66 1.08 20.19
C GLY B 895 -24.99 0.60 18.92
N SER B 896 -24.61 -0.65 18.89
CA SER B 896 -24.09 -1.27 17.67
C SER B 896 -24.58 -2.70 17.60
N GLU B 897 -24.37 -3.32 16.44
CA GLU B 897 -24.91 -4.64 16.18
C GLU B 897 -23.76 -5.59 15.86
N LEU B 898 -23.66 -6.66 16.62
CA LEU B 898 -22.66 -7.69 16.41
C LEU B 898 -23.37 -8.94 15.95
N SER B 899 -22.89 -9.53 14.85
CA SER B 899 -23.59 -10.64 14.23
C SER B 899 -23.19 -11.97 14.83
N LEU B 900 -22.34 -11.98 15.85
CA LEU B 900 -21.97 -13.27 16.41
C LEU B 900 -23.02 -13.72 17.41
N ALA B 901 -22.83 -14.94 17.91
CA ALA B 901 -23.76 -15.56 18.82
C ALA B 901 -23.09 -15.73 20.17
N LEU B 902 -23.73 -15.28 21.23
CA LEU B 902 -23.18 -15.42 22.56
C LEU B 902 -24.32 -15.39 23.57
N THR B 903 -24.03 -15.88 24.77
CA THR B 903 -25.07 -16.15 25.74
C THR B 903 -25.58 -14.89 26.42
N ARG B 904 -26.36 -15.09 27.47
CA ARG B 904 -27.13 -13.98 28.02
C ARG B 904 -26.32 -13.18 29.03
N ALA B 905 -25.61 -13.86 29.92
CA ALA B 905 -24.79 -13.14 30.89
C ALA B 905 -23.56 -12.53 30.22
N GLN B 906 -23.18 -13.05 29.06
CA GLN B 906 -22.02 -12.53 28.37
C GLN B 906 -22.33 -11.21 27.69
N ALA B 907 -23.54 -11.09 27.13
CA ALA B 907 -23.93 -9.87 26.44
C ALA B 907 -24.03 -8.70 27.40
N GLN B 908 -24.62 -8.92 28.57
CA GLN B 908 -24.65 -7.87 29.58
C GLN B 908 -23.25 -7.61 30.13
N GLY B 909 -22.36 -8.59 30.02
CA GLY B 909 -20.97 -8.36 30.36
C GLY B 909 -20.25 -7.47 29.37
N ILE B 910 -20.54 -7.64 28.08
CA ILE B 910 -19.88 -6.84 27.05
C ILE B 910 -20.36 -5.41 27.10
N VAL B 911 -21.67 -5.21 27.22
CA VAL B 911 -22.20 -3.85 27.21
C VAL B 911 -21.85 -3.16 28.53
N GLY B 912 -21.70 -3.94 29.60
CA GLY B 912 -21.15 -3.38 30.82
C GLY B 912 -19.70 -3.00 30.67
N ARG B 913 -18.99 -3.62 29.73
CA ARG B 913 -17.59 -3.29 29.53
C ARG B 913 -17.44 -2.07 28.65
N TRP B 914 -18.33 -1.90 27.67
CA TRP B 914 -18.21 -0.77 26.76
C TRP B 914 -18.57 0.54 27.44
N LEU B 915 -19.64 0.52 28.23
CA LEU B 915 -20.09 1.72 28.93
C LEU B 915 -19.06 2.19 29.93
N ALA B 916 -18.28 1.27 30.48
CA ALA B 916 -17.17 1.69 31.31
C ALA B 916 -16.01 2.19 30.45
N GLU B 917 -15.75 1.54 29.33
CA GLU B 917 -14.56 1.88 28.57
C GLU B 917 -14.75 3.18 27.80
N ALA B 918 -15.93 3.38 27.21
CA ALA B 918 -16.17 4.57 26.41
C ALA B 918 -16.18 5.82 27.26
N ARG B 919 -16.45 5.69 28.55
CA ARG B 919 -16.32 6.84 29.42
C ARG B 919 -14.90 6.98 29.94
N VAL B 920 -14.16 5.87 30.03
CA VAL B 920 -12.72 5.95 30.31
C VAL B 920 -11.97 6.51 29.13
N ALA B 921 -12.31 6.09 27.93
CA ALA B 921 -11.59 6.53 26.74
C ALA B 921 -11.99 7.92 26.26
N ARG B 922 -12.62 8.73 27.11
CA ARG B 922 -12.80 10.14 26.79
C ARG B 922 -11.46 10.84 26.71
N ASP B 923 -10.60 10.63 27.70
CA ASP B 923 -9.33 11.33 27.73
C ASP B 923 -8.40 10.78 26.66
N THR B 924 -7.85 11.65 25.83
CA THR B 924 -6.80 11.25 24.92
C THR B 924 -5.61 12.17 25.15
N ALA B 925 -4.42 11.63 24.96
CA ALA B 925 -3.20 12.39 25.11
C ALA B 925 -2.48 12.44 23.78
N ARG B 926 -1.80 13.55 23.52
CA ARG B 926 -1.12 13.76 22.27
C ARG B 926 0.27 14.32 22.57
N PHE B 927 1.21 13.43 22.73
CA PHE B 927 2.57 13.77 23.13
C PHE B 927 3.56 13.17 22.16
N ALA B 928 4.83 13.52 22.35
CA ALA B 928 5.90 12.97 21.53
C ALA B 928 6.99 12.44 22.44
N LEU B 929 7.45 11.25 22.19
CA LEU B 929 8.47 10.61 22.99
C LEU B 929 9.69 10.35 22.13
N PRO B 930 10.92 10.37 22.66
CA PRO B 930 12.08 10.40 21.79
C PRO B 930 12.38 9.02 21.27
N PRO B 931 13.12 8.92 20.17
CA PRO B 931 13.57 7.61 19.70
C PRO B 931 14.63 6.94 20.56
N SER B 932 15.01 7.55 21.69
CA SER B 932 15.86 6.84 22.65
C SER B 932 15.15 5.62 23.21
N ARG B 933 13.83 5.67 23.31
CA ARG B 933 13.05 4.49 23.61
C ARG B 933 12.01 4.31 22.50
N GLY B 934 12.47 3.69 21.42
CA GLY B 934 11.60 3.42 20.30
C GLY B 934 10.90 2.09 20.40
N HIS B 935 11.18 1.32 21.45
CA HIS B 935 10.60 -0.01 21.58
C HIS B 935 9.18 0.05 22.12
N LEU B 936 8.64 1.23 22.31
CA LEU B 936 7.21 1.39 22.52
C LEU B 936 6.53 1.11 21.20
N GLY B 937 6.03 -0.11 21.05
CA GLY B 937 5.28 -0.47 19.88
C GLY B 937 3.97 0.28 19.82
N THR B 938 3.31 0.18 18.67
CA THR B 938 2.19 1.06 18.39
C THR B 938 0.99 0.78 19.26
N GLY B 939 0.91 -0.39 19.86
CA GLY B 939 -0.19 -0.74 20.72
C GLY B 939 0.11 -0.84 22.20
N ASP B 940 1.26 -0.40 22.66
CA ASP B 940 1.60 -0.52 24.07
C ASP B 940 0.88 0.55 24.89
N VAL B 941 1.06 0.47 26.20
CA VAL B 941 0.37 1.36 27.12
C VAL B 941 1.40 2.02 28.04
N VAL B 942 1.25 3.31 28.26
CA VAL B 942 2.24 4.14 28.92
C VAL B 942 1.70 4.56 30.29
N ARG B 943 2.53 4.42 31.32
CA ARG B 943 2.14 4.85 32.66
C ARG B 943 1.96 6.35 32.74
N LEU B 944 2.95 7.09 32.23
CA LEU B 944 2.91 8.55 32.08
C LEU B 944 2.70 9.26 33.43
N ASP B 945 3.73 9.23 34.26
CA ASP B 945 3.72 10.01 35.50
C ASP B 945 3.61 11.50 35.21
N LEU B 946 2.68 12.16 35.89
CA LEU B 946 2.48 13.59 35.83
C LEU B 946 2.67 14.15 37.23
N PRO B 947 2.77 15.48 37.38
CA PRO B 947 2.67 16.02 38.75
C PRO B 947 1.30 15.81 39.37
N GLU B 948 0.25 15.83 38.57
CA GLU B 948 -1.11 15.62 39.04
C GLU B 948 -1.71 14.49 38.23
N GLY B 949 -1.56 13.25 38.72
CA GLY B 949 -2.49 12.17 38.32
C GLY B 949 -1.82 10.81 38.20
N LYS B 950 -0.90 10.63 37.24
CA LYS B 950 -0.28 9.30 37.01
C LYS B 950 -1.34 8.36 36.40
N ARG B 951 -1.90 8.79 35.27
CA ARG B 951 -3.02 8.17 34.58
C ARG B 951 -2.36 7.41 33.42
N ARG B 952 -2.78 6.17 33.21
CA ARG B 952 -2.23 5.35 32.14
C ARG B 952 -2.71 5.84 30.80
N TYR B 953 -2.00 5.47 29.74
CA TYR B 953 -2.40 5.77 28.37
C TYR B 953 -1.92 4.69 27.41
N ARG B 954 -2.85 4.02 26.76
CA ARG B 954 -2.57 3.21 25.59
C ARG B 954 -2.44 4.12 24.38
N ILE B 955 -1.57 3.77 23.43
CA ILE B 955 -1.19 4.68 22.36
C ILE B 955 -1.73 4.19 21.03
N ASP B 956 -1.96 5.14 20.12
CA ASP B 956 -2.36 4.92 18.73
C ASP B 956 -1.63 5.92 17.85
N ARG B 957 -1.75 5.69 16.53
CA ARG B 957 -1.32 6.61 15.46
C ARG B 957 0.11 7.11 15.64
N VAL B 958 1.02 6.18 15.88
CA VAL B 958 2.42 6.51 15.99
C VAL B 958 2.96 6.94 14.64
N GLU B 959 3.45 8.18 14.56
CA GLU B 959 4.08 8.71 13.37
C GLU B 959 5.45 9.21 13.76
N GLN B 960 6.51 8.53 13.33
CA GLN B 960 7.82 8.81 13.93
C GLN B 960 8.77 9.68 13.10
N ALA B 961 9.22 9.18 11.93
CA ALA B 961 10.23 9.84 11.09
C ALA B 961 11.52 10.21 11.84
N GLY B 962 11.81 9.48 12.92
CA GLY B 962 12.86 9.89 13.83
C GLY B 962 12.43 10.78 14.96
N LEU B 963 11.12 10.90 15.21
CA LEU B 963 10.61 11.55 16.41
C LEU B 963 9.23 10.95 16.67
N ILE B 964 9.17 9.97 17.57
CA ILE B 964 7.93 9.24 17.76
C ILE B 964 6.89 10.14 18.39
N GLN B 965 5.87 10.49 17.60
CA GLN B 965 4.81 11.35 18.05
C GLN B 965 3.53 10.52 18.12
N VAL B 966 2.79 10.69 19.20
CA VAL B 966 1.85 9.69 19.68
C VAL B 966 0.50 10.36 19.88
N GLU B 967 -0.56 9.71 19.43
CA GLU B 967 -1.90 10.04 19.90
C GLU B 967 -2.34 8.91 20.82
N ALA B 968 -2.17 9.10 22.11
CA ALA B 968 -2.58 8.07 23.03
C ALA B 968 -4.09 8.09 23.26
N VAL B 969 -4.54 7.23 24.18
CA VAL B 969 -5.91 7.28 24.68
C VAL B 969 -5.89 6.67 26.09
N ARG B 970 -6.75 7.15 26.97
CA ARG B 970 -6.79 6.70 28.35
C ARG B 970 -7.34 5.30 28.48
N VAL B 971 -6.56 4.40 29.08
CA VAL B 971 -7.00 3.03 29.33
C VAL B 971 -6.60 2.63 30.74
N GLU B 972 -7.56 2.12 31.51
CA GLU B 972 -7.45 1.58 32.85
C GLU B 972 -7.33 0.07 32.81
N PRO B 973 -6.75 -0.57 33.83
CA PRO B 973 -6.64 -2.03 33.79
C PRO B 973 -7.92 -2.74 34.18
N GLY B 974 -8.71 -2.17 35.08
CA GLY B 974 -9.85 -2.87 35.63
C GLY B 974 -11.02 -3.03 34.69
N ILE B 975 -10.96 -2.40 33.51
CA ILE B 975 -12.02 -2.53 32.53
C ILE B 975 -12.08 -3.96 32.00
N TYR B 976 -10.93 -4.60 31.85
CA TYR B 976 -10.86 -5.89 31.21
C TYR B 976 -10.88 -7.00 32.26
N ALA B 977 -12.08 -7.27 32.74
CA ALA B 977 -12.36 -8.27 33.75
C ALA B 977 -13.69 -8.91 33.44
N PRO B 978 -13.95 -10.11 33.96
CA PRO B 978 -15.32 -10.63 33.94
C PRO B 978 -16.23 -9.78 34.81
N ALA B 979 -17.45 -9.55 34.32
CA ALA B 979 -18.41 -8.76 35.09
C ALA B 979 -19.04 -9.59 36.21
N ASP B 980 -18.99 -10.93 36.07
CA ASP B 980 -19.54 -11.89 37.03
C ASP B 980 -21.02 -11.67 37.27
N GLU B 981 -21.83 -11.93 36.25
CA GLU B 981 -23.26 -11.75 36.36
C GLU B 981 -23.98 -13.09 36.26
N VAL B 982 -25.22 -13.09 36.71
CA VAL B 982 -25.99 -14.33 36.67
C VAL B 982 -26.63 -14.51 35.31
N GLU B 983 -27.19 -15.69 35.09
CA GLU B 983 -27.46 -16.16 33.75
C GLU B 983 -28.94 -16.36 33.47
N ASP B 984 -29.22 -16.66 32.20
CA ASP B 984 -30.53 -17.09 31.75
C ASP B 984 -30.40 -18.31 30.84
N ALA C 2 9.38 36.03 -34.56
CA ALA C 2 10.83 36.01 -34.67
C ALA C 2 11.30 36.88 -35.82
N PHE C 3 12.25 37.76 -35.54
CA PHE C 3 12.73 38.75 -36.50
C PHE C 3 14.21 38.51 -36.81
N HIS C 4 14.73 39.32 -37.72
CA HIS C 4 16.16 39.47 -37.95
C HIS C 4 16.53 40.94 -38.00
N GLU C 5 15.95 41.74 -37.10
CA GLU C 5 15.75 43.17 -37.39
C GLU C 5 17.04 43.94 -37.19
N VAL C 6 17.55 43.97 -35.95
CA VAL C 6 18.80 44.66 -35.62
C VAL C 6 19.41 43.98 -34.41
N ARG C 7 20.67 44.29 -34.14
CA ARG C 7 21.31 43.88 -32.90
C ARG C 7 20.62 44.51 -31.68
N PHE C 8 20.90 45.79 -31.46
CA PHE C 8 20.43 46.54 -30.31
C PHE C 8 20.98 47.96 -30.46
N PRO C 9 20.52 48.92 -29.65
CA PRO C 9 21.36 50.10 -29.40
C PRO C 9 22.74 49.68 -28.92
N ALA C 10 23.75 50.45 -29.36
CA ALA C 10 25.13 50.05 -29.13
C ALA C 10 25.48 50.06 -27.64
N ASN C 11 24.99 51.05 -26.90
CA ASN C 11 25.36 51.24 -25.51
C ASN C 11 24.88 50.09 -24.63
N LEU C 12 25.79 49.58 -23.80
CA LEU C 12 25.47 48.66 -22.72
C LEU C 12 26.37 48.98 -21.53
N SER C 13 25.78 49.17 -20.36
CA SER C 13 26.55 49.58 -19.20
C SER C 13 27.37 48.42 -18.65
N PHE C 14 28.33 48.76 -17.80
CA PHE C 14 29.24 47.77 -17.22
C PHE C 14 28.49 47.02 -16.12
N GLY C 15 28.17 45.75 -16.37
CA GLY C 15 27.30 45.02 -15.47
C GLY C 15 26.23 44.23 -16.20
N SER C 16 26.35 44.14 -17.52
CA SER C 16 25.41 43.37 -18.33
C SER C 16 25.67 41.88 -18.17
N VAL C 17 24.98 41.27 -17.22
CA VAL C 17 25.31 39.92 -16.74
C VAL C 17 24.48 38.90 -17.52
N GLY C 18 25.00 37.68 -17.62
CA GLY C 18 24.26 36.60 -18.23
C GLY C 18 25.10 35.37 -18.53
N GLY C 19 24.59 34.19 -18.19
CA GLY C 19 25.28 32.95 -18.45
C GLY C 19 24.35 31.77 -18.55
N PRO C 20 24.84 30.67 -19.11
CA PRO C 20 23.94 29.60 -19.58
C PRO C 20 23.13 29.02 -18.43
N GLU C 21 21.85 28.73 -18.70
CA GLU C 21 20.95 28.16 -17.71
C GLU C 21 20.54 26.74 -18.09
N ARG C 22 20.76 25.82 -17.15
CA ARG C 22 20.59 24.39 -17.34
C ARG C 22 19.42 23.90 -16.49
N ARG C 23 18.49 23.17 -17.13
CA ARG C 23 17.36 22.59 -16.41
C ARG C 23 17.84 21.88 -15.13
N THR C 24 18.75 20.92 -15.29
CA THR C 24 19.40 20.17 -14.21
C THR C 24 18.41 19.56 -13.21
N GLU C 25 17.41 18.87 -13.74
CA GLU C 25 16.49 18.16 -12.84
C GLU C 25 17.29 17.23 -11.93
N ILE C 26 16.96 17.26 -10.64
CA ILE C 26 17.83 16.73 -9.60
C ILE C 26 16.98 16.04 -8.55
N VAL C 27 17.54 15.00 -7.93
CA VAL C 27 16.78 14.17 -7.01
C VAL C 27 17.17 14.39 -5.56
N THR C 28 18.44 14.70 -5.27
CA THR C 28 18.93 14.98 -3.91
C THR C 28 18.50 13.89 -2.93
N LEU C 29 19.10 12.71 -3.11
CA LEU C 29 18.88 11.63 -2.15
C LEU C 29 19.43 12.00 -0.79
N SER C 30 18.63 11.77 0.26
CA SER C 30 19.03 12.16 1.60
C SER C 30 20.12 11.26 2.17
N SER C 31 20.35 10.10 1.56
CA SER C 31 21.49 9.26 1.93
C SER C 31 22.80 10.00 1.72
N GLY C 32 23.01 10.52 0.52
CA GLY C 32 24.34 10.88 0.08
C GLY C 32 24.39 11.28 -1.39
N HIS C 33 25.29 10.67 -2.14
CA HIS C 33 25.41 10.97 -3.57
C HIS C 33 24.10 10.69 -4.29
N GLU C 34 23.90 11.40 -5.40
CA GLU C 34 22.65 11.39 -6.12
C GLU C 34 22.94 11.49 -7.62
N GLU C 35 21.97 11.05 -8.43
CA GLU C 35 22.10 11.15 -9.87
C GLU C 35 21.27 12.29 -10.41
N ARG C 36 21.53 12.64 -11.67
CA ARG C 36 20.87 13.77 -12.33
C ARG C 36 21.01 13.61 -13.83
N ASN C 37 20.12 14.29 -14.56
CA ASN C 37 20.16 14.31 -16.01
C ASN C 37 19.51 15.59 -16.49
N SER C 38 19.87 16.00 -17.71
CA SER C 38 19.32 17.19 -18.33
C SER C 38 18.76 16.85 -19.70
N PRO C 39 17.59 17.39 -20.04
CA PRO C 39 16.96 17.09 -21.36
C PRO C 39 17.25 18.10 -22.46
N TRP C 40 18.17 19.04 -22.26
CA TRP C 40 18.38 20.09 -23.26
C TRP C 40 19.31 19.61 -24.37
N ALA C 41 20.51 19.18 -24.00
CA ALA C 41 21.68 19.11 -24.87
C ALA C 41 22.04 20.46 -25.47
N HIS C 42 21.55 21.55 -24.87
CA HIS C 42 22.06 22.89 -25.14
C HIS C 42 22.02 23.66 -23.83
N SER C 43 22.11 24.98 -23.90
CA SER C 43 22.04 25.82 -22.71
C SER C 43 21.49 27.18 -23.10
N ARG C 44 20.35 27.55 -22.52
CA ARG C 44 19.83 28.90 -22.67
C ARG C 44 20.81 29.90 -22.09
N ARG C 45 21.25 30.86 -22.91
CA ARG C 45 22.34 31.74 -22.50
C ARG C 45 21.93 32.77 -21.45
N HIS C 46 20.69 33.26 -21.49
CA HIS C 46 20.04 33.90 -20.35
C HIS C 46 20.81 35.17 -19.91
N TYR C 47 20.84 36.14 -20.82
CA TYR C 47 21.52 37.41 -20.57
C TYR C 47 20.59 38.37 -19.85
N ASP C 48 21.14 39.13 -18.90
CA ASP C 48 20.34 40.01 -18.08
C ASP C 48 21.00 41.39 -18.00
N ALA C 49 20.30 42.32 -17.33
CA ALA C 49 20.90 43.53 -16.77
C ALA C 49 21.49 44.45 -17.83
N GLY C 50 20.93 44.47 -19.04
CA GLY C 50 21.27 45.52 -19.98
C GLY C 50 20.80 46.88 -19.49
N VAL C 51 21.56 47.91 -19.84
CA VAL C 51 21.23 49.29 -19.50
C VAL C 51 21.47 50.19 -20.71
N GLY C 52 20.44 50.89 -21.16
CA GLY C 52 20.61 51.97 -22.12
C GLY C 52 20.93 53.26 -21.40
N LEU C 53 22.05 53.88 -21.81
CA LEU C 53 22.44 55.20 -21.28
C LEU C 53 22.96 56.07 -22.44
N ARG C 54 22.10 56.95 -22.93
CA ARG C 54 22.49 57.99 -23.89
C ARG C 54 21.60 59.20 -23.68
N SER C 55 21.57 60.08 -24.68
CA SER C 55 20.66 61.21 -24.72
C SER C 55 19.21 60.75 -24.87
N LEU C 56 18.29 61.70 -24.72
CA LEU C 56 16.88 61.45 -24.96
C LEU C 56 16.55 61.24 -26.44
N ASP C 57 17.47 61.56 -27.34
CA ASP C 57 17.26 61.22 -28.75
C ASP C 57 17.34 59.71 -28.95
N ASP C 58 18.15 59.03 -28.15
CA ASP C 58 18.27 57.58 -28.22
C ASP C 58 17.10 56.88 -27.52
N VAL C 59 16.38 57.59 -26.66
CA VAL C 59 15.36 56.95 -25.84
C VAL C 59 14.13 56.60 -26.66
N GLU C 60 13.71 57.48 -27.57
CA GLU C 60 12.47 57.20 -28.30
C GLU C 60 12.66 56.11 -29.34
N ARG C 61 13.90 55.85 -29.77
CA ARG C 61 14.17 54.67 -30.58
C ARG C 61 14.43 53.45 -29.72
N LEU C 62 14.47 53.61 -28.40
CA LEU C 62 14.67 52.51 -27.47
C LEU C 62 13.39 52.08 -26.76
N ILE C 63 12.50 53.04 -26.46
CA ILE C 63 11.25 52.65 -25.80
C ILE C 63 10.34 51.94 -26.79
N ALA C 64 10.39 52.33 -28.06
CA ALA C 64 9.63 51.63 -29.10
C ALA C 64 10.38 50.44 -29.66
N PHE C 65 11.66 50.28 -29.31
CA PHE C 65 12.32 48.99 -29.53
C PHE C 65 11.62 47.89 -28.74
N PHE C 66 11.30 48.18 -27.47
CA PHE C 66 10.44 47.29 -26.70
C PHE C 66 9.08 47.14 -27.34
N GLU C 67 8.54 48.21 -27.92
CA GLU C 67 7.16 48.20 -28.37
C GLU C 67 7.02 47.69 -29.81
N ALA C 68 7.71 48.32 -30.76
CA ALA C 68 7.31 48.15 -32.15
C ALA C 68 7.69 46.78 -32.71
N ARG C 69 8.99 46.49 -32.83
CA ARG C 69 9.41 45.16 -33.23
C ARG C 69 9.41 44.18 -32.06
N GLY C 70 9.39 44.69 -30.84
CA GLY C 70 9.29 43.83 -29.67
C GLY C 70 7.94 43.20 -29.47
N GLY C 71 6.97 44.01 -29.02
CA GLY C 71 5.81 43.43 -28.38
C GLY C 71 6.25 42.65 -27.17
N GLN C 72 6.23 41.33 -27.28
CA GLN C 72 6.91 40.45 -26.34
C GLN C 72 7.67 39.35 -27.07
N LEU C 73 7.17 38.97 -28.24
CA LEU C 73 7.35 37.64 -28.81
C LEU C 73 8.13 37.65 -30.12
N HIS C 74 9.14 38.50 -30.22
CA HIS C 74 9.92 38.61 -31.44
C HIS C 74 11.41 38.56 -31.11
N GLY C 75 12.21 38.41 -32.15
CA GLY C 75 13.61 38.03 -31.98
C GLY C 75 14.55 39.11 -31.47
N PHE C 76 14.79 40.13 -32.29
CA PHE C 76 15.81 41.16 -32.06
C PHE C 76 17.11 40.52 -31.57
N ARG C 77 17.80 39.86 -32.50
CA ARG C 77 19.13 39.29 -32.33
C ARG C 77 20.02 40.11 -31.40
N TRP C 78 20.66 39.47 -30.43
CA TRP C 78 21.29 40.15 -29.31
C TRP C 78 22.81 40.08 -29.44
N LYS C 79 23.49 41.20 -29.16
CA LYS C 79 24.93 41.25 -29.26
C LYS C 79 25.56 40.85 -27.93
N ASP C 80 26.53 39.94 -27.98
CA ASP C 80 27.25 39.49 -26.80
C ASP C 80 28.61 40.17 -26.76
N TRP C 81 28.88 40.90 -25.67
CA TRP C 81 30.24 41.36 -25.41
C TRP C 81 31.10 40.28 -24.76
N ALA C 82 30.53 39.16 -24.33
CA ALA C 82 31.30 37.99 -23.94
C ALA C 82 31.53 37.07 -25.13
N GLY C 157 27.07 27.14 -39.34
CA GLY C 157 27.92 27.86 -38.41
C GLY C 157 27.82 27.36 -36.99
N ILE C 158 28.84 26.61 -36.55
CA ILE C 158 28.80 25.86 -35.30
C ILE C 158 30.09 26.15 -34.54
N VAL C 159 29.97 26.58 -33.29
CA VAL C 159 31.11 26.84 -32.42
C VAL C 159 31.29 25.65 -31.49
N SER C 160 32.52 25.14 -31.40
CA SER C 160 32.88 24.11 -30.46
C SER C 160 33.86 24.65 -29.43
N PHE C 161 33.88 24.01 -28.26
CA PHE C 161 34.72 24.43 -27.14
C PHE C 161 35.64 23.27 -26.79
N ASN C 162 36.94 23.44 -27.05
CA ASN C 162 37.89 22.34 -27.10
C ASN C 162 38.85 22.36 -25.92
N GLU C 163 38.65 23.25 -24.95
CA GLU C 163 39.51 23.30 -23.78
C GLU C 163 39.36 22.10 -22.84
N PRO C 164 38.24 21.35 -22.85
CA PRO C 164 38.30 19.98 -22.35
C PRO C 164 38.54 18.99 -23.47
N PRO C 165 38.81 17.74 -23.15
CA PRO C 165 38.67 16.67 -24.15
C PRO C 165 37.22 16.39 -24.52
N PRO C 166 36.25 16.73 -23.65
CA PRO C 166 34.89 16.96 -24.16
C PRO C 166 34.76 18.17 -25.07
N GLN C 167 33.55 18.40 -25.56
CA GLN C 167 33.29 19.40 -26.59
C GLN C 167 32.04 20.19 -26.23
N GLY C 168 32.02 21.45 -26.66
CA GLY C 168 30.81 22.24 -26.59
C GLY C 168 29.85 21.93 -27.72
N ALA C 169 30.30 22.17 -28.95
CA ALA C 169 29.57 21.82 -30.18
C ALA C 169 28.18 22.44 -30.20
N ARG C 170 28.08 23.67 -29.71
CA ARG C 170 26.80 24.35 -29.60
C ARG C 170 26.53 25.17 -30.85
N VAL C 171 25.32 25.05 -31.39
CA VAL C 171 25.02 25.62 -32.70
C VAL C 171 24.84 27.13 -32.58
N THR C 172 24.96 27.81 -33.73
CA THR C 172 24.61 29.22 -33.86
C THR C 172 23.63 29.34 -35.04
N ALA C 173 22.34 29.52 -34.72
CA ALA C 173 21.36 29.74 -35.77
C ALA C 173 21.59 31.07 -36.48
N GLY C 174 21.95 32.11 -35.71
CA GLY C 174 22.35 33.37 -36.29
C GLY C 174 23.86 33.45 -36.41
N PHE C 175 24.33 34.39 -37.23
CA PHE C 175 25.76 34.48 -37.48
C PHE C 175 26.45 35.25 -36.37
N GLU C 176 27.62 34.74 -35.96
CA GLU C 176 28.63 35.48 -35.21
C GLU C 176 28.06 36.04 -33.90
N PHE C 177 27.79 35.13 -32.98
CA PHE C 177 27.46 35.47 -31.59
C PHE C 177 26.20 36.33 -31.46
N ASP C 178 25.19 36.14 -32.31
CA ASP C 178 24.11 37.11 -32.36
C ASP C 178 22.86 36.66 -31.61
N VAL C 179 22.78 35.39 -31.23
CA VAL C 179 21.95 34.87 -30.14
C VAL C 179 20.57 35.53 -30.03
N PRO C 180 19.59 35.13 -30.85
CA PRO C 180 18.28 35.81 -30.80
C PRO C 180 17.59 35.55 -29.48
N VAL C 181 16.99 36.61 -28.90
CA VAL C 181 16.49 36.53 -27.53
C VAL C 181 15.06 37.04 -27.41
N ARG C 182 14.59 37.19 -26.17
CA ARG C 182 13.46 38.06 -25.87
C ARG C 182 13.62 38.60 -24.45
N PHE C 183 13.08 39.79 -24.21
CA PHE C 183 13.15 40.43 -22.91
C PHE C 183 12.24 39.71 -21.89
N ASP C 184 12.75 39.57 -20.66
CA ASP C 184 12.04 38.88 -19.59
C ASP C 184 11.29 39.87 -18.71
N THR C 185 10.36 40.62 -19.33
CA THR C 185 9.67 41.75 -18.65
C THR C 185 8.26 41.92 -19.22
N ASP C 186 7.26 42.13 -18.36
CA ASP C 186 5.96 42.57 -18.83
C ASP C 186 5.97 44.06 -19.15
N ARG C 187 6.80 44.82 -18.44
CA ARG C 187 6.94 46.25 -18.69
C ARG C 187 8.41 46.61 -18.60
N ILE C 188 8.75 47.77 -19.15
CA ILE C 188 10.05 48.37 -18.94
C ILE C 188 9.87 49.61 -18.09
N ALA C 189 10.99 50.21 -17.68
CA ALA C 189 10.91 51.36 -16.79
C ALA C 189 12.08 52.29 -17.11
N VAL C 190 11.82 53.26 -17.97
CA VAL C 190 12.84 54.23 -18.36
C VAL C 190 12.75 55.40 -17.40
N SER C 191 13.90 55.90 -16.97
CA SER C 191 13.96 57.02 -16.06
C SER C 191 14.63 58.21 -16.74
N VAL C 192 14.27 59.41 -16.26
CA VAL C 192 14.95 60.68 -16.67
C VAL C 192 15.83 61.14 -15.49
N GLN C 193 17.13 61.26 -15.71
CA GLN C 193 18.05 61.61 -14.59
C GLN C 193 18.56 63.05 -14.73
N SER C 194 18.43 63.61 -15.93
CA SER C 194 18.76 65.04 -16.14
C SER C 194 18.20 65.46 -17.51
N PHE C 195 18.37 66.73 -17.85
CA PHE C 195 17.66 67.31 -19.02
C PHE C 195 17.75 66.35 -20.21
N GLN C 196 18.88 65.64 -20.35
CA GLN C 196 19.06 64.75 -21.53
C GLN C 196 19.35 63.30 -21.11
N ALA C 197 19.40 62.98 -19.81
CA ALA C 197 19.84 61.63 -19.47
C ALA C 197 18.68 60.66 -19.49
N GLY C 198 18.82 59.59 -20.27
CA GLY C 198 17.86 58.49 -20.29
C GLY C 198 18.44 57.19 -19.76
N ASP C 199 17.83 56.62 -18.74
CA ASP C 199 18.30 55.37 -18.13
C ASP C 199 17.16 54.38 -17.99
N LEU C 200 17.51 53.09 -18.12
CA LEU C 200 16.62 51.99 -17.74
C LEU C 200 17.50 50.89 -17.14
N PRO C 201 17.11 50.36 -15.98
CA PRO C 201 18.05 49.53 -15.20
C PRO C 201 18.29 48.10 -15.68
N GLN C 202 17.34 47.48 -16.37
CA GLN C 202 17.49 46.06 -16.67
C GLN C 202 16.61 45.63 -17.84
N VAL C 203 17.16 44.77 -18.68
CA VAL C 203 16.34 44.07 -19.69
C VAL C 203 16.80 42.62 -19.81
N PRO C 204 16.28 41.75 -18.94
CA PRO C 204 16.72 40.35 -18.90
C PRO C 204 16.21 39.54 -20.10
N VAL C 205 17.12 38.85 -20.79
CA VAL C 205 16.70 37.97 -21.88
C VAL C 205 17.06 36.51 -21.58
N VAL C 206 16.72 35.60 -22.49
CA VAL C 206 16.87 34.15 -22.30
C VAL C 206 17.14 33.39 -23.59
N GLU C 207 17.14 34.07 -24.73
CA GLU C 207 17.54 33.51 -26.03
C GLU C 207 16.68 32.29 -26.36
N VAL C 208 15.42 32.58 -26.67
CA VAL C 208 14.49 31.56 -27.12
C VAL C 208 14.78 31.21 -28.57
N ARG C 209 14.76 29.92 -28.88
CA ARG C 209 15.20 29.40 -30.16
C ARG C 209 14.22 29.73 -31.28
N ALA D 2 30.71 11.91 -14.89
CA ALA D 2 31.85 12.13 -14.01
C ALA D 2 33.17 12.11 -14.79
N PHE D 3 33.99 13.12 -14.59
CA PHE D 3 35.22 13.32 -15.35
C PHE D 3 36.43 13.27 -14.42
N HIS D 4 37.60 13.37 -15.02
CA HIS D 4 38.86 13.63 -14.33
C HIS D 4 39.62 14.75 -15.03
N GLU D 5 38.90 15.80 -15.45
CA GLU D 5 39.35 16.61 -16.58
C GLU D 5 40.45 17.58 -16.18
N VAL D 6 40.13 18.51 -15.28
CA VAL D 6 41.11 19.49 -14.79
C VAL D 6 40.69 19.92 -13.39
N ARG D 7 41.60 20.61 -12.69
CA ARG D 7 41.27 21.26 -11.44
C ARG D 7 40.23 22.37 -11.64
N PHE D 8 40.67 23.50 -12.18
CA PHE D 8 39.87 24.70 -12.36
C PHE D 8 40.74 25.75 -13.01
N PRO D 9 40.19 26.86 -13.49
CA PRO D 9 41.00 28.07 -13.63
C PRO D 9 41.71 28.42 -12.33
N ALA D 10 42.94 28.92 -12.46
CA ALA D 10 43.79 29.12 -11.29
C ALA D 10 43.22 30.16 -10.35
N ASN D 11 42.66 31.25 -10.89
CA ASN D 11 42.21 32.37 -10.08
C ASN D 11 41.05 31.99 -9.17
N LEU D 12 41.16 32.35 -7.89
CA LEU D 12 40.05 32.29 -6.95
C LEU D 12 40.16 33.48 -6.01
N SER D 13 39.06 34.23 -5.88
CA SER D 13 39.10 35.46 -5.09
C SER D 13 39.12 35.14 -3.60
N PHE D 14 39.45 36.15 -2.81
CA PHE D 14 39.56 36.00 -1.36
C PHE D 14 38.15 35.98 -0.77
N GLY D 15 37.72 34.82 -0.29
CA GLY D 15 36.34 34.66 0.10
C GLY D 15 35.71 33.38 -0.39
N SER D 16 36.52 32.49 -0.95
CA SER D 16 36.04 31.20 -1.43
C SER D 16 35.75 30.27 -0.26
N VAL D 17 34.51 30.29 0.22
CA VAL D 17 34.13 29.71 1.50
C VAL D 17 33.65 28.28 1.26
N GLY D 18 33.78 27.44 2.28
CA GLY D 18 33.25 26.09 2.19
C GLY D 18 33.72 25.16 3.29
N GLY D 19 32.80 24.40 3.89
CA GLY D 19 33.15 23.46 4.93
C GLY D 19 32.17 22.32 5.04
N PRO D 20 32.57 21.25 5.74
CA PRO D 20 31.84 19.99 5.65
C PRO D 20 30.44 20.08 6.23
N GLU D 21 29.58 19.17 5.78
CA GLU D 21 28.19 19.16 6.21
C GLU D 21 27.88 17.88 6.98
N ARG D 22 26.70 17.86 7.61
CA ARG D 22 26.08 16.68 8.18
C ARG D 22 24.57 16.86 8.21
N ARG D 23 23.84 15.75 8.13
CA ARG D 23 22.39 15.82 8.30
C ARG D 23 22.04 15.81 9.79
N THR D 24 22.53 14.80 10.50
CA THR D 24 22.47 14.63 11.95
C THR D 24 21.17 15.13 12.60
N GLU D 25 20.07 14.52 12.20
CA GLU D 25 18.76 14.99 12.66
C GLU D 25 18.63 14.79 14.17
N ILE D 26 17.79 15.59 14.79
CA ILE D 26 17.91 15.90 16.21
C ILE D 26 16.50 16.17 16.77
N VAL D 27 16.26 15.69 18.00
CA VAL D 27 14.92 15.71 18.57
C VAL D 27 14.76 16.72 19.70
N THR D 28 15.83 17.05 20.43
CA THR D 28 15.81 18.04 21.51
C THR D 28 14.70 17.74 22.52
N LEU D 29 14.91 16.66 23.28
CA LEU D 29 13.95 16.26 24.31
C LEU D 29 13.65 17.42 25.26
N SER D 30 12.39 17.84 25.27
CA SER D 30 12.04 19.18 25.72
C SER D 30 12.23 19.40 27.22
N SER D 31 12.25 18.34 28.03
CA SER D 31 12.37 18.50 29.48
C SER D 31 13.75 18.14 30.02
N GLY D 32 14.72 17.83 29.16
CA GLY D 32 16.07 17.58 29.62
C GLY D 32 17.10 17.77 28.53
N HIS D 33 18.05 16.85 28.45
CA HIS D 33 19.06 16.90 27.40
C HIS D 33 18.45 16.33 26.13
N GLU D 34 19.29 15.91 25.18
CA GLU D 34 18.82 15.50 23.87
C GLU D 34 19.41 14.14 23.52
N GLU D 35 19.03 13.62 22.36
CA GLU D 35 19.71 12.50 21.73
C GLU D 35 19.63 12.68 20.23
N ARG D 36 20.72 12.39 19.53
CA ARG D 36 20.80 12.75 18.12
C ARG D 36 21.59 11.70 17.35
N ASN D 37 21.18 11.48 16.11
CA ASN D 37 21.64 10.40 15.26
C ASN D 37 22.44 10.97 14.10
N SER D 38 23.44 10.22 13.64
CA SER D 38 24.22 10.60 12.46
C SER D 38 24.22 9.43 11.49
N PRO D 39 23.66 9.59 10.28
CA PRO D 39 23.69 8.51 9.28
C PRO D 39 24.83 8.60 8.26
N TRP D 40 25.79 9.50 8.42
CA TRP D 40 26.75 9.76 7.35
C TRP D 40 28.01 8.90 7.45
N ALA D 41 28.74 9.02 8.57
CA ALA D 41 30.12 8.58 8.71
C ALA D 41 31.08 9.32 7.76
N HIS D 42 30.60 10.35 7.09
CA HIS D 42 31.40 11.14 6.16
C HIS D 42 30.87 12.57 6.17
N SER D 43 31.37 13.39 5.26
CA SER D 43 30.96 14.78 5.22
C SER D 43 31.08 15.32 3.79
N ARG D 44 30.04 16.00 3.33
CA ARG D 44 30.09 16.74 2.07
C ARG D 44 30.83 18.05 2.32
N ARG D 45 31.89 18.28 1.54
CA ARG D 45 32.79 19.40 1.83
C ARG D 45 32.17 20.75 1.49
N HIS D 46 31.35 20.82 0.43
CA HIS D 46 30.39 21.91 0.23
C HIS D 46 31.09 23.27 0.12
N TYR D 47 31.88 23.40 -0.95
CA TYR D 47 32.63 24.62 -1.19
C TYR D 47 31.75 25.60 -1.97
N ASP D 48 31.84 26.88 -1.63
CA ASP D 48 30.98 27.89 -2.22
C ASP D 48 31.81 29.10 -2.64
N ALA D 49 31.12 30.06 -3.27
CA ALA D 49 31.59 31.44 -3.38
C ALA D 49 32.91 31.58 -4.14
N GLY D 50 33.17 30.70 -5.10
CA GLY D 50 34.25 30.95 -6.04
C GLY D 50 33.96 32.16 -6.91
N VAL D 51 35.03 32.88 -7.26
CA VAL D 51 34.93 34.03 -8.15
C VAL D 51 36.07 33.98 -9.17
N GLY D 52 35.72 33.99 -10.46
CA GLY D 52 36.69 34.21 -11.51
C GLY D 52 36.88 35.69 -11.73
N LEU D 53 38.14 36.15 -11.66
CA LEU D 53 38.49 37.53 -11.97
C LEU D 53 39.77 37.55 -12.78
N ARG D 54 39.65 37.68 -14.10
CA ARG D 54 40.78 37.92 -14.99
C ARG D 54 40.29 38.75 -16.18
N SER D 55 41.09 38.74 -17.25
CA SER D 55 40.70 39.34 -18.52
C SER D 55 39.56 38.56 -19.16
N LEU D 56 39.00 39.14 -20.23
CA LEU D 56 37.99 38.45 -21.03
C LEU D 56 38.55 37.29 -21.84
N ASP D 57 39.88 37.18 -21.94
CA ASP D 57 40.45 35.99 -22.56
C ASP D 57 40.25 34.76 -21.68
N ASP D 58 40.23 34.96 -20.35
CA ASP D 58 39.98 33.88 -19.41
C ASP D 58 38.51 33.52 -19.32
N VAL D 59 37.63 34.42 -19.76
CA VAL D 59 36.19 34.23 -19.55
C VAL D 59 35.65 33.15 -20.48
N GLU D 60 36.08 33.13 -21.74
CA GLU D 60 35.51 32.17 -22.66
C GLU D 60 35.97 30.75 -22.40
N ARG D 61 37.10 30.57 -21.72
CA ARG D 61 37.48 29.26 -21.23
C ARG D 61 36.85 28.95 -19.87
N LEU D 62 36.13 29.91 -19.29
CA LEU D 62 35.44 29.72 -18.02
C LEU D 62 33.94 29.55 -18.18
N ILE D 63 33.33 30.23 -19.15
CA ILE D 63 31.89 30.06 -19.34
C ILE D 63 31.60 28.69 -19.94
N ALA D 64 32.50 28.20 -20.81
CA ALA D 64 32.35 26.87 -21.35
C ALA D 64 32.94 25.79 -20.45
N PHE D 65 33.66 26.17 -19.40
CA PHE D 65 33.95 25.24 -18.32
C PHE D 65 32.66 24.75 -17.67
N PHE D 66 31.74 25.68 -17.42
CA PHE D 66 30.39 25.30 -16.99
C PHE D 66 29.70 24.46 -18.05
N GLU D 67 29.93 24.77 -19.33
CA GLU D 67 29.16 24.16 -20.40
C GLU D 67 29.77 22.84 -20.90
N ALA D 68 31.02 22.87 -21.33
CA ALA D 68 31.52 21.78 -22.18
C ALA D 68 31.76 20.51 -21.39
N ARG D 69 32.71 20.52 -20.46
CA ARG D 69 32.90 19.36 -19.59
C ARG D 69 31.92 19.37 -18.41
N GLY D 70 31.28 20.50 -18.13
CA GLY D 70 30.27 20.53 -17.11
C GLY D 70 28.98 19.84 -17.51
N GLY D 71 28.21 20.49 -18.38
CA GLY D 71 26.81 20.16 -18.48
C GLY D 71 26.16 20.40 -17.14
N GLN D 72 25.85 19.32 -16.43
CA GLN D 72 25.52 19.41 -15.01
C GLN D 72 26.23 18.33 -14.20
N LEU D 73 26.49 17.19 -14.82
CA LEU D 73 26.61 15.92 -14.13
C LEU D 73 28.01 15.31 -14.24
N HIS D 74 29.04 16.15 -14.20
CA HIS D 74 30.39 15.66 -14.34
C HIS D 74 31.28 16.24 -13.24
N GLY D 75 32.48 15.67 -13.12
CA GLY D 75 33.32 15.86 -11.96
C GLY D 75 34.00 17.20 -11.78
N PHE D 76 34.96 17.48 -12.67
CA PHE D 76 35.88 18.61 -12.58
C PHE D 76 36.40 18.77 -11.15
N ARG D 77 37.29 17.84 -10.78
CA ARG D 77 38.05 17.82 -9.53
C ARG D 77 38.43 19.21 -9.04
N TRP D 78 38.18 19.50 -7.76
CA TRP D 78 38.21 20.87 -7.25
C TRP D 78 39.43 21.06 -6.36
N LYS D 79 40.10 22.20 -6.52
CA LYS D 79 41.30 22.49 -5.74
C LYS D 79 40.93 23.20 -4.44
N ASP D 80 41.49 22.71 -3.34
CA ASP D 80 41.25 23.30 -2.03
C ASP D 80 42.47 24.12 -1.62
N TRP D 81 42.24 25.41 -1.34
CA TRP D 81 43.26 26.21 -0.69
C TRP D 81 43.28 26.03 0.82
N ALA D 82 42.30 25.34 1.39
CA ALA D 82 42.38 24.90 2.78
C ALA D 82 43.02 23.51 2.87
N GLY D 157 44.46 5.96 -0.72
CA GLY D 157 44.85 7.27 -0.22
C GLY D 157 43.85 7.85 0.77
N ILE D 158 44.20 7.82 2.05
CA ILE D 158 43.29 8.12 3.14
C ILE D 158 43.97 9.09 4.08
N VAL D 159 43.31 10.21 4.37
CA VAL D 159 43.81 11.21 5.30
C VAL D 159 43.11 11.01 6.64
N SER D 160 43.90 10.98 7.71
CA SER D 160 43.37 10.94 9.07
C SER D 160 43.73 12.23 9.81
N PHE D 161 42.92 12.56 10.81
CA PHE D 161 43.09 13.77 11.60
C PHE D 161 43.28 13.38 13.06
N ASN D 162 44.49 13.61 13.57
CA ASN D 162 44.95 12.99 14.81
C ASN D 162 45.07 13.99 15.95
N GLU D 163 44.63 15.23 15.74
CA GLU D 163 44.67 16.23 16.80
C GLU D 163 43.68 15.95 17.95
N PRO D 164 42.61 15.18 17.77
CA PRO D 164 41.99 14.55 18.94
C PRO D 164 42.53 13.14 19.15
N PRO D 165 42.21 12.51 20.27
CA PRO D 165 42.36 11.06 20.37
C PRO D 165 41.34 10.30 19.52
N PRO D 166 40.19 10.91 19.18
CA PRO D 166 39.47 10.45 17.98
C PRO D 166 40.20 10.68 16.67
N GLN D 167 39.59 10.26 15.58
CA GLN D 167 40.23 10.23 14.27
C GLN D 167 39.28 10.76 13.22
N GLY D 168 39.85 11.37 12.18
CA GLY D 168 39.07 11.72 11.00
C GLY D 168 38.87 10.53 10.07
N ALA D 169 39.99 9.99 9.58
CA ALA D 169 40.00 8.77 8.76
C ALA D 169 39.10 8.90 7.53
N ARG D 170 39.09 10.08 6.94
CA ARG D 170 38.21 10.37 5.81
C ARG D 170 38.94 10.07 4.50
N VAL D 171 38.27 9.36 3.60
CA VAL D 171 38.93 8.85 2.41
C VAL D 171 39.15 9.99 1.41
N THR D 172 40.06 9.75 0.47
CA THR D 172 40.27 10.62 -0.70
C THR D 172 40.20 9.74 -1.94
N ALA D 173 39.07 9.79 -2.66
CA ALA D 173 38.97 9.05 -3.91
C ALA D 173 39.92 9.63 -4.96
N GLY D 174 40.05 10.95 -5.01
CA GLY D 174 41.04 11.59 -5.85
C GLY D 174 42.28 11.89 -5.05
N PHE D 175 43.38 12.17 -5.75
CA PHE D 175 44.65 12.37 -5.07
C PHE D 175 44.77 13.80 -4.57
N GLU D 176 45.28 13.94 -3.35
CA GLU D 176 45.86 15.17 -2.82
C GLU D 176 44.84 16.32 -2.84
N PHE D 177 43.84 16.19 -1.96
CA PHE D 177 42.91 17.28 -1.67
C PHE D 177 42.11 17.74 -2.90
N ASP D 178 41.75 16.81 -3.80
CA ASP D 178 41.21 17.24 -5.08
C ASP D 178 39.70 17.14 -5.17
N VAL D 179 39.06 16.46 -4.23
CA VAL D 179 37.64 16.61 -3.87
C VAL D 179 36.73 16.81 -5.08
N PRO D 180 36.36 15.76 -5.79
CA PRO D 180 35.53 15.93 -7.00
C PRO D 180 34.15 16.46 -6.63
N VAL D 181 33.68 17.44 -7.41
CA VAL D 181 32.47 18.17 -7.01
C VAL D 181 31.48 18.26 -8.16
N ARG D 182 30.43 19.07 -7.98
CA ARG D 182 29.63 19.61 -9.07
C ARG D 182 29.09 20.96 -8.66
N PHE D 183 28.87 21.83 -9.66
CA PHE D 183 28.35 23.16 -9.39
C PHE D 183 26.89 23.12 -8.94
N ASP D 184 26.57 23.95 -7.95
CA ASP D 184 25.23 24.02 -7.36
C ASP D 184 24.43 25.15 -8.00
N THR D 185 24.25 25.08 -9.32
CA THR D 185 23.63 26.20 -10.09
C THR D 185 22.83 25.65 -11.27
N ASP D 186 21.65 26.22 -11.55
CA ASP D 186 21.02 25.98 -12.84
C ASP D 186 21.61 26.89 -13.90
N ARG D 187 22.08 28.08 -13.51
CA ARG D 187 22.71 29.01 -14.41
C ARG D 187 23.90 29.64 -13.72
N ILE D 188 24.79 30.22 -14.51
CA ILE D 188 25.85 31.06 -13.99
C ILE D 188 25.55 32.49 -14.43
N ALA D 189 26.35 33.42 -13.92
CA ALA D 189 26.08 34.83 -14.21
C ALA D 189 27.42 35.57 -14.27
N VAL D 190 27.98 35.68 -15.46
CA VAL D 190 29.24 36.38 -15.65
C VAL D 190 28.93 37.83 -15.93
N SER D 191 29.68 38.73 -15.31
CA SER D 191 29.50 40.16 -15.50
C SER D 191 30.72 40.76 -16.18
N VAL D 192 30.48 41.90 -16.84
CA VAL D 192 31.57 42.76 -17.41
C VAL D 192 31.75 43.95 -16.47
N GLN D 193 32.97 44.16 -15.96
CA GLN D 193 33.20 45.26 -14.98
C GLN D 193 33.94 46.42 -15.65
N SER D 194 34.69 46.11 -16.70
CA SER D 194 35.37 47.15 -17.52
C SER D 194 35.75 46.53 -18.86
N PHE D 195 36.43 47.29 -19.71
CA PHE D 195 36.62 46.88 -21.12
C PHE D 195 37.08 45.42 -21.17
N GLN D 196 37.90 45.00 -20.20
CA GLN D 196 38.42 43.60 -20.19
C GLN D 196 38.15 42.89 -18.86
N ALA D 197 37.35 43.48 -17.95
CA ALA D 197 37.17 42.78 -16.68
C ALA D 197 36.00 41.79 -16.75
N GLY D 198 36.27 40.54 -16.42
CA GLY D 198 35.24 39.52 -16.31
C GLY D 198 35.05 39.03 -14.88
N ASP D 199 33.83 39.13 -14.36
CA ASP D 199 33.52 38.71 -13.00
C ASP D 199 32.28 37.82 -12.99
N LEU D 200 32.27 36.87 -12.04
CA LEU D 200 31.07 36.11 -11.70
C LEU D 200 31.10 35.87 -10.19
N PRO D 201 30.00 36.13 -9.48
CA PRO D 201 30.06 36.23 -8.03
C PRO D 201 30.13 34.91 -7.25
N GLN D 202 29.60 33.81 -7.78
CA GLN D 202 29.51 32.60 -6.98
C GLN D 202 29.36 31.37 -7.85
N VAL D 203 30.04 30.28 -7.46
CA VAL D 203 29.80 28.96 -8.03
C VAL D 203 29.84 27.91 -6.93
N PRO D 204 28.72 27.66 -6.24
CA PRO D 204 28.72 26.70 -5.13
C PRO D 204 28.82 25.25 -5.58
N VAL D 205 29.50 24.43 -4.77
CA VAL D 205 29.65 22.99 -5.01
C VAL D 205 29.46 22.23 -3.69
N VAL D 206 29.28 20.91 -3.81
CA VAL D 206 28.85 20.04 -2.71
C VAL D 206 29.61 18.71 -2.69
N GLU D 207 30.41 18.45 -3.72
CA GLU D 207 31.25 17.26 -3.82
C GLU D 207 30.39 15.99 -3.74
N VAL D 208 29.65 15.77 -4.83
CA VAL D 208 29.01 14.48 -5.06
C VAL D 208 30.09 13.43 -5.28
N ARG D 209 29.86 12.25 -4.72
CA ARG D 209 30.82 11.15 -4.81
C ARG D 209 31.06 10.73 -6.26
#